data_1H02
# 
_entry.id   1H02 
# 
_audit_conform.dict_name       mmcif_pdbx.dic 
_audit_conform.dict_version    5.399 
_audit_conform.dict_location   http://mmcif.pdb.org/dictionaries/ascii/mmcif_pdbx.dic 
# 
loop_
_database_2.database_id 
_database_2.database_code 
_database_2.pdbx_database_accession 
_database_2.pdbx_DOI 
PDB   1H02         pdb_00001h02 10.2210/pdb1h02/pdb 
PDBE  EBI-9963     ?            ?                   
WWPDB D_1290009963 ?            ?                   
# 
loop_
_pdbx_audit_revision_history.ordinal 
_pdbx_audit_revision_history.data_content_type 
_pdbx_audit_revision_history.major_revision 
_pdbx_audit_revision_history.minor_revision 
_pdbx_audit_revision_history.revision_date 
1 'Structure model' 1 0 2002-07-25 
2 'Structure model' 1 1 2011-05-08 
3 'Structure model' 1 2 2011-07-13 
4 'Structure model' 1 3 2019-05-08 
5 'Structure model' 1 4 2023-12-13 
6 'Structure model' 1 5 2024-11-20 
# 
_pdbx_audit_revision_details.ordinal             1 
_pdbx_audit_revision_details.revision_ordinal    1 
_pdbx_audit_revision_details.data_content_type   'Structure model' 
_pdbx_audit_revision_details.provider            repository 
_pdbx_audit_revision_details.type                'Initial release' 
_pdbx_audit_revision_details.description         ? 
_pdbx_audit_revision_details.details             ? 
# 
loop_
_pdbx_audit_revision_group.ordinal 
_pdbx_audit_revision_group.revision_ordinal 
_pdbx_audit_revision_group.data_content_type 
_pdbx_audit_revision_group.group 
1  2 'Structure model' 'Version format compliance' 
2  3 'Structure model' 'Version format compliance' 
3  4 'Structure model' Advisory                    
4  4 'Structure model' 'Data collection'           
5  4 'Structure model' 'Experimental preparation'  
6  4 'Structure model' Other                       
7  5 'Structure model' Advisory                    
8  5 'Structure model' 'Data collection'           
9  5 'Structure model' 'Database references'       
10 5 'Structure model' 'Refinement description'    
11 6 'Structure model' 'Structure summary'         
# 
loop_
_pdbx_audit_revision_category.ordinal 
_pdbx_audit_revision_category.revision_ordinal 
_pdbx_audit_revision_category.data_content_type 
_pdbx_audit_revision_category.category 
1  4 'Structure model' database_PDB_rev              
2  4 'Structure model' database_PDB_rev_record       
3  4 'Structure model' exptl_crystal_grow            
4  4 'Structure model' pdbx_database_proc            
5  4 'Structure model' pdbx_database_status          
6  4 'Structure model' pdbx_unobs_or_zero_occ_atoms  
7  5 'Structure model' chem_comp_atom                
8  5 'Structure model' chem_comp_bond                
9  5 'Structure model' database_2                    
10 5 'Structure model' pdbx_initial_refinement_model 
11 5 'Structure model' pdbx_unobs_or_zero_occ_atoms  
12 6 'Structure model' pdbx_entry_details            
13 6 'Structure model' pdbx_modification_feature     
# 
loop_
_pdbx_audit_revision_item.ordinal 
_pdbx_audit_revision_item.revision_ordinal 
_pdbx_audit_revision_item.data_content_type 
_pdbx_audit_revision_item.item 
1 4 'Structure model' '_exptl_crystal_grow.method'                   
2 4 'Structure model' '_pdbx_database_status.recvd_author_approval'  
3 5 'Structure model' '_database_2.pdbx_DOI'                         
4 5 'Structure model' '_database_2.pdbx_database_accession'          
5 6 'Structure model' '_pdbx_entry_details.has_protein_modification' 
# 
_pdbx_database_status.status_code                     REL 
_pdbx_database_status.entry_id                        1H02 
_pdbx_database_status.deposit_site                    PDBE 
_pdbx_database_status.process_site                    PDBE 
_pdbx_database_status.SG_entry                        . 
_pdbx_database_status.recvd_initial_deposition_date   2002-06-11 
_pdbx_database_status.pdb_format_compatible           Y 
_pdbx_database_status.status_code_sf                  ? 
_pdbx_database_status.status_code_mr                  ? 
_pdbx_database_status.status_code_cs                  ? 
_pdbx_database_status.methods_development_category    ? 
_pdbx_database_status.status_code_nmr_data            ? 
# 
loop_
_pdbx_database_related.db_name 
_pdbx_database_related.db_id 
_pdbx_database_related.content_type 
_pdbx_database_related.details 
PDB 1GZR unspecified 'HUMAN INSULIN-LIKE GROWTH FACTOR; ESRF DATA'                 
PDB 1GZY unspecified 'HUMAN INSULIN-LIKE GROWTH FACTOR; IN-HOUSE DATA'             
PDB 1GZZ unspecified 'HUMAN INSULIN-LIKE GROWTH FACTOR; HAMBURG DATA'              
PDB 1H59 unspecified 'COMPLEX OF IGFBP-5 WITH IGF-I'                               
PDB 1IMX unspecified '1.8 ANGSTROM CRYSTAL STRUCTURE OF IGF-1'                     
PDB 2GF1 unspecified 'INSULIN-LIKE GROWTH FACTOR (NMR, MINIMUM AVERAGE STRUCTURE)' 
PDB 3GF1 unspecified 'INSULIN-LIKE GROWTH FACTOR (NMR, 10 STRUCTURES)'             
# 
loop_
_audit_author.name 
_audit_author.pdbx_ordinal 
'Brzozowski, A.M.' 1 
'Dodson, E.J.'     2 
'Dodson, G.G.'     3 
'Murshudov, G.'    4 
'Verma, C.'        5 
'Turkenburg, J.P.' 6 
'De Bree, F.M.'    7 
'Dauter, Z.'       8 
# 
_citation.id                        primary 
_citation.title                     
'Structural Origins of the Functional Divergence of Human Insulin-Like Growth Factor-I and Insulin' 
_citation.journal_abbrev            Biochemistry 
_citation.journal_volume            41 
_citation.page_first                9389 
_citation.page_last                 ? 
_citation.year                      2002 
_citation.journal_id_ASTM           BICHAW 
_citation.country                   US 
_citation.journal_id_ISSN           0006-2960 
_citation.journal_id_CSD            0033 
_citation.book_publisher            ? 
_citation.pdbx_database_id_PubMed   12135360 
_citation.pdbx_database_id_DOI      10.1021/BI020084J 
# 
loop_
_citation_author.citation_id 
_citation_author.name 
_citation_author.ordinal 
_citation_author.identifier_ORCID 
primary 'Brzozowski, A.M.' 1 ? 
primary 'Dodson, E.J.'     2 ? 
primary 'Dodson, G.G.'     3 ? 
primary 'Murshudov, G.'    4 ? 
primary 'Verma, C.'        5 ? 
primary 'Turkenburg, J.P.' 6 ? 
primary 'De Bree, F.M.'    7 ? 
primary 'Dauter, Z.'       8 ? 
# 
loop_
_entity.id 
_entity.type 
_entity.src_method 
_entity.pdbx_description 
_entity.formula_weight 
_entity.pdbx_number_of_molecules 
_entity.pdbx_ec 
_entity.pdbx_mutation 
_entity.pdbx_fragment 
_entity.details 
1 polymer     man 'INSULIN-LIKE GROWTH FACTOR I'                      7663.752 1  ? ? ? ? 
2 non-polymer syn N-DODECYL-N,N-DIMETHYL-3-AMMONIO-1-PROPANESULFONATE 336.554  1  ? ? ? ? 
3 water       nat water                                               18.015   23 ? ? ? ? 
# 
_entity_name_com.entity_id   1 
_entity_name_com.name        'SOMATOMEDIN C, IGF1, IBP1' 
# 
_entity_poly.entity_id                      1 
_entity_poly.type                           'polypeptide(L)' 
_entity_poly.nstd_linkage                   no 
_entity_poly.nstd_monomer                   no 
_entity_poly.pdbx_seq_one_letter_code       GPETLCGAELVDALQFVCGDRGFYFNKPTGYGSSSRRAPQTGIVDECCFRSCDLRRLEMYCAPLKPAKSA 
_entity_poly.pdbx_seq_one_letter_code_can   GPETLCGAELVDALQFVCGDRGFYFNKPTGYGSSSRRAPQTGIVDECCFRSCDLRRLEMYCAPLKPAKSA 
_entity_poly.pdbx_strand_id                 B 
_entity_poly.pdbx_target_identifier         ? 
# 
loop_
_pdbx_entity_nonpoly.entity_id 
_pdbx_entity_nonpoly.name 
_pdbx_entity_nonpoly.comp_id 
2 N-DODECYL-N,N-DIMETHYL-3-AMMONIO-1-PROPANESULFONATE C15 
3 water                                               HOH 
# 
loop_
_entity_poly_seq.entity_id 
_entity_poly_seq.num 
_entity_poly_seq.mon_id 
_entity_poly_seq.hetero 
1 1  GLY n 
1 2  PRO n 
1 3  GLU n 
1 4  THR n 
1 5  LEU n 
1 6  CYS n 
1 7  GLY n 
1 8  ALA n 
1 9  GLU n 
1 10 LEU n 
1 11 VAL n 
1 12 ASP n 
1 13 ALA n 
1 14 LEU n 
1 15 GLN n 
1 16 PHE n 
1 17 VAL n 
1 18 CYS n 
1 19 GLY n 
1 20 ASP n 
1 21 ARG n 
1 22 GLY n 
1 23 PHE n 
1 24 TYR n 
1 25 PHE n 
1 26 ASN n 
1 27 LYS n 
1 28 PRO n 
1 29 THR n 
1 30 GLY n 
1 31 TYR n 
1 32 GLY n 
1 33 SER n 
1 34 SER n 
1 35 SER n 
1 36 ARG n 
1 37 ARG n 
1 38 ALA n 
1 39 PRO n 
1 40 GLN n 
1 41 THR n 
1 42 GLY n 
1 43 ILE n 
1 44 VAL n 
1 45 ASP n 
1 46 GLU n 
1 47 CYS n 
1 48 CYS n 
1 49 PHE n 
1 50 ARG n 
1 51 SER n 
1 52 CYS n 
1 53 ASP n 
1 54 LEU n 
1 55 ARG n 
1 56 ARG n 
1 57 LEU n 
1 58 GLU n 
1 59 MET n 
1 60 TYR n 
1 61 CYS n 
1 62 ALA n 
1 63 PRO n 
1 64 LEU n 
1 65 LYS n 
1 66 PRO n 
1 67 ALA n 
1 68 LYS n 
1 69 SER n 
1 70 ALA n 
# 
_entity_src_gen.entity_id                          1 
_entity_src_gen.pdbx_src_id                        1 
_entity_src_gen.pdbx_alt_source_flag               sample 
_entity_src_gen.pdbx_seq_type                      ? 
_entity_src_gen.pdbx_beg_seq_num                   ? 
_entity_src_gen.pdbx_end_seq_num                   ? 
_entity_src_gen.gene_src_common_name               HUMAN 
_entity_src_gen.gene_src_genus                     ? 
_entity_src_gen.pdbx_gene_src_gene                 ? 
_entity_src_gen.gene_src_species                   ? 
_entity_src_gen.gene_src_strain                    ? 
_entity_src_gen.gene_src_tissue                    ? 
_entity_src_gen.gene_src_tissue_fraction           ? 
_entity_src_gen.gene_src_details                   ? 
_entity_src_gen.pdbx_gene_src_fragment             ? 
_entity_src_gen.pdbx_gene_src_scientific_name      'HOMO SAPIENS' 
_entity_src_gen.pdbx_gene_src_ncbi_taxonomy_id     9606 
_entity_src_gen.pdbx_gene_src_variant              ? 
_entity_src_gen.pdbx_gene_src_cell_line            ? 
_entity_src_gen.pdbx_gene_src_atcc                 ? 
_entity_src_gen.pdbx_gene_src_organ                ? 
_entity_src_gen.pdbx_gene_src_organelle            ? 
_entity_src_gen.pdbx_gene_src_cell                 ? 
_entity_src_gen.pdbx_gene_src_cellular_location    ? 
_entity_src_gen.host_org_common_name               ? 
_entity_src_gen.pdbx_host_org_scientific_name      'ESCHERICHIA COLI' 
_entity_src_gen.pdbx_host_org_ncbi_taxonomy_id     562 
_entity_src_gen.host_org_genus                     ? 
_entity_src_gen.pdbx_host_org_gene                 ? 
_entity_src_gen.pdbx_host_org_organ                ? 
_entity_src_gen.host_org_species                   ? 
_entity_src_gen.pdbx_host_org_tissue               ? 
_entity_src_gen.pdbx_host_org_tissue_fraction      ? 
_entity_src_gen.pdbx_host_org_strain               ? 
_entity_src_gen.pdbx_host_org_variant              ? 
_entity_src_gen.pdbx_host_org_cell_line            ? 
_entity_src_gen.pdbx_host_org_atcc                 ? 
_entity_src_gen.pdbx_host_org_culture_collection   ? 
_entity_src_gen.pdbx_host_org_cell                 ? 
_entity_src_gen.pdbx_host_org_organelle            ? 
_entity_src_gen.pdbx_host_org_cellular_location    ? 
_entity_src_gen.pdbx_host_org_vector_type          ? 
_entity_src_gen.pdbx_host_org_vector               ? 
_entity_src_gen.host_org_details                   ? 
_entity_src_gen.expression_system_id               ? 
_entity_src_gen.plasmid_name                       ? 
_entity_src_gen.plasmid_details                    ? 
_entity_src_gen.pdbx_description                   ? 
# 
loop_
_chem_comp.id 
_chem_comp.type 
_chem_comp.mon_nstd_flag 
_chem_comp.name 
_chem_comp.pdbx_synonyms 
_chem_comp.formula 
_chem_comp.formula_weight 
ALA 'L-peptide linking' y ALANINE                                             ? 'C3 H7 N O2'       89.093  
ARG 'L-peptide linking' y ARGININE                                            ? 'C6 H15 N4 O2 1'   175.209 
ASN 'L-peptide linking' y ASPARAGINE                                          ? 'C4 H8 N2 O3'      132.118 
ASP 'L-peptide linking' y 'ASPARTIC ACID'                                     ? 'C4 H7 N O4'       133.103 
C15 non-polymer         . N-DODECYL-N,N-DIMETHYL-3-AMMONIO-1-PROPANESULFONATE ? 'C17 H38 N O3 S 1' 336.554 
CYS 'L-peptide linking' y CYSTEINE                                            ? 'C3 H7 N O2 S'     121.158 
GLN 'L-peptide linking' y GLUTAMINE                                           ? 'C5 H10 N2 O3'     146.144 
GLU 'L-peptide linking' y 'GLUTAMIC ACID'                                     ? 'C5 H9 N O4'       147.129 
GLY 'peptide linking'   y GLYCINE                                             ? 'C2 H5 N O2'       75.067  
HOH non-polymer         . WATER                                               ? 'H2 O'             18.015  
ILE 'L-peptide linking' y ISOLEUCINE                                          ? 'C6 H13 N O2'      131.173 
LEU 'L-peptide linking' y LEUCINE                                             ? 'C6 H13 N O2'      131.173 
LYS 'L-peptide linking' y LYSINE                                              ? 'C6 H15 N2 O2 1'   147.195 
MET 'L-peptide linking' y METHIONINE                                          ? 'C5 H11 N O2 S'    149.211 
PHE 'L-peptide linking' y PHENYLALANINE                                       ? 'C9 H11 N O2'      165.189 
PRO 'L-peptide linking' y PROLINE                                             ? 'C5 H9 N O2'       115.130 
SER 'L-peptide linking' y SERINE                                              ? 'C3 H7 N O3'       105.093 
THR 'L-peptide linking' y THREONINE                                           ? 'C4 H9 N O3'       119.119 
TYR 'L-peptide linking' y TYROSINE                                            ? 'C9 H11 N O3'      181.189 
VAL 'L-peptide linking' y VALINE                                              ? 'C5 H11 N O2'      117.146 
# 
loop_
_pdbx_poly_seq_scheme.asym_id 
_pdbx_poly_seq_scheme.entity_id 
_pdbx_poly_seq_scheme.seq_id 
_pdbx_poly_seq_scheme.mon_id 
_pdbx_poly_seq_scheme.ndb_seq_num 
_pdbx_poly_seq_scheme.pdb_seq_num 
_pdbx_poly_seq_scheme.auth_seq_num 
_pdbx_poly_seq_scheme.pdb_mon_id 
_pdbx_poly_seq_scheme.auth_mon_id 
_pdbx_poly_seq_scheme.pdb_strand_id 
_pdbx_poly_seq_scheme.pdb_ins_code 
_pdbx_poly_seq_scheme.hetero 
A 1 1  GLY 1  1  ?  ?   ?   B . n 
A 1 2  PRO 2  2  ?  ?   ?   B . n 
A 1 3  GLU 3  3  3  GLU GLU B . n 
A 1 4  THR 4  4  4  THR THR B . n 
A 1 5  LEU 5  5  5  LEU LEU B . n 
A 1 6  CYS 6  6  6  CYS CYS B . n 
A 1 7  GLY 7  7  7  GLY GLY B . n 
A 1 8  ALA 8  8  8  ALA ALA B . n 
A 1 9  GLU 9  9  9  GLU GLU B . n 
A 1 10 LEU 10 10 10 LEU LEU B . n 
A 1 11 VAL 11 11 11 VAL VAL B . n 
A 1 12 ASP 12 12 12 ASP ASP B . n 
A 1 13 ALA 13 13 13 ALA ALA B . n 
A 1 14 LEU 14 14 14 LEU LEU B . n 
A 1 15 GLN 15 15 15 GLN GLN B . n 
A 1 16 PHE 16 16 16 PHE PHE B . n 
A 1 17 VAL 17 17 17 VAL VAL B . n 
A 1 18 CYS 18 18 18 CYS CYS B . n 
A 1 19 GLY 19 19 19 GLY GLY B . n 
A 1 20 ASP 20 20 20 ASP ASP B . n 
A 1 21 ARG 21 21 21 ARG ARG B . n 
A 1 22 GLY 22 22 22 GLY GLY B . n 
A 1 23 PHE 23 23 23 PHE PHE B . n 
A 1 24 TYR 24 24 24 TYR TYR B . n 
A 1 25 PHE 25 25 25 PHE PHE B . n 
A 1 26 ASN 26 26 26 ASN ASN B . n 
A 1 27 LYS 27 27 27 LYS LYS B . n 
A 1 28 PRO 28 28 28 PRO PRO B . n 
A 1 29 THR 29 29 29 THR THR B . n 
A 1 30 GLY 30 30 30 GLY GLY B . n 
A 1 31 TYR 31 31 31 TYR TYR B . n 
A 1 32 GLY 32 32 32 GLY GLY B . n 
A 1 33 SER 33 33 33 SER SER B . n 
A 1 34 SER 34 34 34 SER SER B . n 
A 1 35 SER 35 35 35 SER SER B . n 
A 1 36 ARG 36 36 ?  ?   ?   B . n 
A 1 37 ARG 37 37 ?  ?   ?   B . n 
A 1 38 ALA 38 38 38 ALA ALA B . n 
A 1 39 PRO 39 39 39 PRO PRO B . n 
A 1 40 GLN 40 40 40 GLN GLN B . n 
A 1 41 THR 41 41 41 THR THR B . n 
A 1 42 GLY 42 42 42 GLY GLY B . n 
A 1 43 ILE 43 43 43 ILE ILE B . n 
A 1 44 VAL 44 44 44 VAL VAL B . n 
A 1 45 ASP 45 45 45 ASP ASP B . n 
A 1 46 GLU 46 46 46 GLU GLU B . n 
A 1 47 CYS 47 47 47 CYS CYS B . n 
A 1 48 CYS 48 48 48 CYS CYS B . n 
A 1 49 PHE 49 49 49 PHE PHE B . n 
A 1 50 ARG 50 50 50 ARG ARG B . n 
A 1 51 SER 51 51 51 SER SER B . n 
A 1 52 CYS 52 52 52 CYS CYS B . n 
A 1 53 ASP 53 53 53 ASP ASP B . n 
A 1 54 LEU 54 54 54 LEU LEU B . n 
A 1 55 ARG 55 55 55 ARG ARG B . n 
A 1 56 ARG 56 56 56 ARG ARG B . n 
A 1 57 LEU 57 57 57 LEU LEU B . n 
A 1 58 GLU 58 58 58 GLU GLU B . n 
A 1 59 MET 59 59 59 MET MET B . n 
A 1 60 TYR 60 60 60 TYR TYR B . n 
A 1 61 CYS 61 61 61 CYS CYS B . n 
A 1 62 ALA 62 62 62 ALA ALA B . n 
A 1 63 PRO 63 63 63 PRO PRO B . n 
A 1 64 LEU 64 64 64 LEU LEU B . n 
A 1 65 LYS 65 65 65 LYS LYS B . n 
A 1 66 PRO 66 66 66 PRO PRO B . n 
A 1 67 ALA 67 67 67 ALA ALA B . n 
A 1 68 LYS 68 68 68 LYS LYS B . n 
A 1 69 SER 69 69 ?  ?   ?   B . n 
A 1 70 ALA 70 70 ?  ?   ?   B . n 
# 
loop_
_pdbx_nonpoly_scheme.asym_id 
_pdbx_nonpoly_scheme.entity_id 
_pdbx_nonpoly_scheme.mon_id 
_pdbx_nonpoly_scheme.ndb_seq_num 
_pdbx_nonpoly_scheme.pdb_seq_num 
_pdbx_nonpoly_scheme.auth_seq_num 
_pdbx_nonpoly_scheme.pdb_mon_id 
_pdbx_nonpoly_scheme.auth_mon_id 
_pdbx_nonpoly_scheme.pdb_strand_id 
_pdbx_nonpoly_scheme.pdb_ins_code 
B 2 C15 1  1069 1069 C15 C15 B . 
C 3 HOH 1  2001 2001 HOH HOH B . 
C 3 HOH 2  2002 2002 HOH HOH B . 
C 3 HOH 3  2003 2003 HOH HOH B . 
C 3 HOH 4  2004 2004 HOH HOH B . 
C 3 HOH 5  2005 2005 HOH HOH B . 
C 3 HOH 6  2006 2006 HOH HOH B . 
C 3 HOH 7  2007 2007 HOH HOH B . 
C 3 HOH 8  2008 2008 HOH HOH B . 
C 3 HOH 9  2009 2009 HOH HOH B . 
C 3 HOH 10 2010 2010 HOH HOH B . 
C 3 HOH 11 2011 2011 HOH HOH B . 
C 3 HOH 12 2012 2012 HOH HOH B . 
C 3 HOH 13 2013 2013 HOH HOH B . 
C 3 HOH 14 2014 2014 HOH HOH B . 
C 3 HOH 15 2015 2015 HOH HOH B . 
C 3 HOH 16 2016 2016 HOH HOH B . 
C 3 HOH 17 2017 2017 HOH HOH B . 
C 3 HOH 18 2018 2018 HOH HOH B . 
C 3 HOH 19 2019 2019 HOH HOH B . 
C 3 HOH 20 2020 2020 HOH HOH B . 
C 3 HOH 21 2021 2021 HOH HOH B . 
C 3 HOH 22 2022 2022 HOH HOH B . 
C 3 HOH 23 2023 2023 HOH HOH B . 
# 
loop_
_pdbx_unobs_or_zero_occ_atoms.id 
_pdbx_unobs_or_zero_occ_atoms.PDB_model_num 
_pdbx_unobs_or_zero_occ_atoms.polymer_flag 
_pdbx_unobs_or_zero_occ_atoms.occupancy_flag 
_pdbx_unobs_or_zero_occ_atoms.auth_asym_id 
_pdbx_unobs_or_zero_occ_atoms.auth_comp_id 
_pdbx_unobs_or_zero_occ_atoms.auth_seq_id 
_pdbx_unobs_or_zero_occ_atoms.PDB_ins_code 
_pdbx_unobs_or_zero_occ_atoms.auth_atom_id 
_pdbx_unobs_or_zero_occ_atoms.label_alt_id 
_pdbx_unobs_or_zero_occ_atoms.label_asym_id 
_pdbx_unobs_or_zero_occ_atoms.label_comp_id 
_pdbx_unobs_or_zero_occ_atoms.label_seq_id 
_pdbx_unobs_or_zero_occ_atoms.label_atom_id 
1  1 Y 1 B GLU 3    ? CG  ? A GLU 3  CG  
2  1 Y 1 B GLU 3    ? CD  ? A GLU 3  CD  
3  1 Y 1 B GLU 3    ? OE1 ? A GLU 3  OE1 
4  1 Y 1 B GLU 3    ? OE2 ? A GLU 3  OE2 
5  1 Y 0 B SER 33   ? CB  ? A SER 33 CB  
6  1 Y 0 B SER 33   ? OG  ? A SER 33 OG  
7  1 Y 1 B ARG 56   ? CD  ? A ARG 56 CD  
8  1 Y 1 B ARG 56   ? NE  ? A ARG 56 NE  
9  1 Y 1 B ARG 56   ? CZ  ? A ARG 56 CZ  
10 1 Y 1 B ARG 56   ? NH1 ? A ARG 56 NH1 
11 1 Y 1 B ARG 56   ? NH2 ? A ARG 56 NH2 
12 1 Y 1 B LYS 68   ? CG  ? A LYS 68 CG  
13 1 Y 1 B LYS 68   ? CD  ? A LYS 68 CD  
14 1 Y 1 B LYS 68   ? CE  ? A LYS 68 CE  
15 1 Y 1 B LYS 68   ? NZ  ? A LYS 68 NZ  
16 1 N 1 B C15 1069 ? C3  ? B C15 1  C3  
17 1 N 1 B C15 1069 ? C2N ? B C15 1  C2N 
# 
loop_
_software.name 
_software.classification 
_software.version 
_software.citation_id 
_software.pdbx_ordinal 
REFMAC    refinement       . ? 1 
DENZO     'data reduction' . ? 2 
SCALEPACK 'data scaling'   . ? 3 
AMoRE     phasing          . ? 4 
# 
_cell.entry_id           1H02 
_cell.length_a           30.723 
_cell.length_b           69.282 
_cell.length_c           64.528 
_cell.angle_alpha        90.00 
_cell.angle_beta         90.00 
_cell.angle_gamma        90.00 
_cell.Z_PDB              8 
_cell.pdbx_unique_axis   ? 
# 
_symmetry.entry_id                         1H02 
_symmetry.space_group_name_H-M             'C 2 2 21' 
_symmetry.pdbx_full_space_group_name_H-M   ? 
_symmetry.cell_setting                     ? 
_symmetry.Int_Tables_number                20 
# 
_exptl.entry_id          1H02 
_exptl.method            'X-RAY DIFFRACTION' 
_exptl.crystals_number   1 
# 
_exptl_crystal.id                    1 
_exptl_crystal.density_meas          ? 
_exptl_crystal.density_Matthews      2.5 
_exptl_crystal.density_percent_sol   50 
_exptl_crystal.description           ? 
# 
_exptl_crystal_grow.crystal_id      1 
_exptl_crystal_grow.method          'VAPOR DIFFUSION, HANGING DROP' 
_exptl_crystal_grow.temp            ? 
_exptl_crystal_grow.temp_details    ? 
_exptl_crystal_grow.pH              7.50 
_exptl_crystal_grow.pdbx_pH_range   ? 
_exptl_crystal_grow.pdbx_details    
;THE PROTEIN WAS CRYSTALLIZED BY THE HANGING DROP METHOD IN WHICH DROPS WERE COMPOSED OF VARIOUS RATIOS OF HIGF-I AT 7MG/ML (IN H2O) WITH RESERVOIR SOLUTION CONSISTING OF 0.1M TRIS.HCL PH 7.5, 12-15% (W/V) PEG 2K AND 5MM SB12 DETERGENT.
;
# 
_diffrn.id                     1 
_diffrn.ambient_temp           100.0 
_diffrn.ambient_temp_details   ? 
_diffrn.crystal_id             1 
# 
_diffrn_detector.diffrn_id              1 
_diffrn_detector.detector               CCD 
_diffrn_detector.type                   'ADSC CCD' 
_diffrn_detector.pdbx_collection_date   ? 
_diffrn_detector.details                ? 
# 
_diffrn_radiation.diffrn_id                        1 
_diffrn_radiation.wavelength_id                    1 
_diffrn_radiation.pdbx_monochromatic_or_laue_m_l   M 
_diffrn_radiation.monochromator                    ? 
_diffrn_radiation.pdbx_diffrn_protocol             'SINGLE WAVELENGTH' 
_diffrn_radiation.pdbx_scattering_type             x-ray 
# 
_diffrn_radiation_wavelength.id           1 
_diffrn_radiation_wavelength.wavelength   0.91 
_diffrn_radiation_wavelength.wt           1.0 
# 
_diffrn_source.diffrn_id                   1 
_diffrn_source.source                      SYNCHROTRON 
_diffrn_source.type                        'SRS BEAMLINE PX14.2' 
_diffrn_source.pdbx_synchrotron_site       SRS 
_diffrn_source.pdbx_synchrotron_beamline   PX14.2 
_diffrn_source.pdbx_wavelength             0.91 
_diffrn_source.pdbx_wavelength_list        ? 
# 
_reflns.pdbx_diffrn_id               1 
_reflns.pdbx_ordinal                 1 
_reflns.entry_id                     1H02 
_reflns.observed_criterion_sigma_I   ? 
_reflns.observed_criterion_sigma_F   ? 
_reflns.d_resolution_low             18.000 
_reflns.d_resolution_high            2.000 
_reflns.number_obs                   4610 
_reflns.number_all                   ? 
_reflns.percent_possible_obs         97.1 
_reflns.pdbx_Rmerge_I_obs            0.07100 
_reflns.pdbx_Rsym_value              ? 
_reflns.pdbx_netI_over_sigmaI        ? 
_reflns.B_iso_Wilson_estimate        ? 
_reflns.pdbx_redundancy              3.700 
# 
_reflns_shell.pdbx_diffrn_id         1 
_reflns_shell.pdbx_ordinal           1 
_reflns_shell.d_res_high             2.00 
_reflns_shell.d_res_low              2.04 
_reflns_shell.percent_possible_all   89.9 
_reflns_shell.Rmerge_I_obs           0.42100 
_reflns_shell.pdbx_Rsym_value        ? 
_reflns_shell.meanI_over_sigI_obs    ? 
_reflns_shell.pdbx_redundancy        ? 
# 
_refine.pdbx_refine_id                           'X-RAY DIFFRACTION' 
_refine.entry_id                                 1H02 
_refine.pdbx_diffrn_id                           1 
_refine.pdbx_TLS_residual_ADP_flag               ? 
_refine.ls_number_reflns_obs                     4508 
_refine.ls_number_reflns_all                     ? 
_refine.pdbx_ls_sigma_I                          ? 
_refine.pdbx_ls_sigma_F                          ? 
_refine.pdbx_data_cutoff_high_absF               ? 
_refine.pdbx_data_cutoff_low_absF                ? 
_refine.pdbx_data_cutoff_high_rms_absF           ? 
_refine.ls_d_res_low                             18.00 
_refine.ls_d_res_high                            2.00 
_refine.ls_percent_reflns_obs                    97.1 
_refine.ls_R_factor_obs                          ? 
_refine.ls_R_factor_all                          ? 
_refine.ls_R_factor_R_work                       0.26 
_refine.ls_R_factor_R_free                       0.30 
_refine.ls_R_factor_R_free_error                 ? 
_refine.ls_R_factor_R_free_error_details         ? 
_refine.ls_percent_reflns_R_free                 6.0 
_refine.ls_number_reflns_R_free                  293 
_refine.ls_number_parameters                     ? 
_refine.ls_number_restraints                     ? 
_refine.occupancy_min                            ? 
_refine.occupancy_max                            ? 
_refine.correlation_coeff_Fo_to_Fc               ? 
_refine.correlation_coeff_Fo_to_Fc_free          ? 
_refine.B_iso_mean                               ? 
_refine.aniso_B[1][1]                            ? 
_refine.aniso_B[2][2]                            ? 
_refine.aniso_B[3][3]                            ? 
_refine.aniso_B[1][2]                            ? 
_refine.aniso_B[1][3]                            ? 
_refine.aniso_B[2][3]                            ? 
_refine.solvent_model_details                    ? 
_refine.solvent_model_param_ksol                 ? 
_refine.solvent_model_param_bsol                 ? 
_refine.pdbx_solvent_vdw_probe_radii             ? 
_refine.pdbx_solvent_ion_probe_radii             ? 
_refine.pdbx_solvent_shrinkage_radii             ? 
_refine.pdbx_ls_cross_valid_method               THROUGHOUT 
_refine.details                                  ? 
_refine.pdbx_starting_model                      'PDB ENTRY 4INS' 
_refine.pdbx_method_to_determine_struct          'MOLECULAR REPLACEMENT' 
_refine.pdbx_isotropic_thermal_model             ? 
_refine.pdbx_stereochemistry_target_values       ? 
_refine.pdbx_stereochem_target_val_spec_case     ? 
_refine.pdbx_R_Free_selection_details            RANDOM 
_refine.pdbx_overall_ESU_R                       ? 
_refine.pdbx_overall_ESU_R_Free                  0.211 
_refine.overall_SU_ML                            0.155 
_refine.pdbx_overall_phase_error                 ? 
_refine.overall_SU_B                             5.38 
_refine.overall_SU_R_Cruickshank_DPI             ? 
_refine.pdbx_overall_SU_R_free_Cruickshank_DPI   ? 
_refine.pdbx_overall_SU_R_Blow_DPI               ? 
_refine.pdbx_overall_SU_R_free_Blow_DPI          ? 
# 
_refine_hist.pdbx_refine_id                   'X-RAY DIFFRACTION' 
_refine_hist.cycle_id                         LAST 
_refine_hist.pdbx_number_atoms_protein        475 
_refine_hist.pdbx_number_atoms_nucleic_acid   0 
_refine_hist.pdbx_number_atoms_ligand         20 
_refine_hist.number_atoms_solvent             23 
_refine_hist.number_atoms_total               518 
_refine_hist.d_res_high                       2.00 
_refine_hist.d_res_low                        18.00 
# 
_struct.entry_id                  1H02 
_struct.title                     'Human Insulin-like growth factor; SRS Daresbury data' 
_struct.pdbx_model_details        ? 
_struct.pdbx_CASP_flag            ? 
_struct.pdbx_model_type_details   ? 
# 
_struct_keywords.entry_id        1H02 
_struct_keywords.pdbx_keywords   'CELL ADHESION' 
_struct_keywords.text            'CELL ADHESION, GROWTH FACTOR, INSULIN FAMILY, IGF-1, PLASMA' 
# 
loop_
_struct_asym.id 
_struct_asym.pdbx_blank_PDB_chainid_flag 
_struct_asym.pdbx_modified 
_struct_asym.entity_id 
_struct_asym.details 
A N N 1 ? 
B N N 2 ? 
C N N 3 ? 
# 
_struct_ref.id                         1 
_struct_ref.db_name                    UNP 
_struct_ref.db_code                    IGFA_HUMAN 
_struct_ref.entity_id                  1 
_struct_ref.pdbx_seq_one_letter_code   ? 
_struct_ref.pdbx_align_begin           ? 
_struct_ref.pdbx_db_accession          P01343 
_struct_ref.pdbx_db_isoform            ? 
# 
_struct_ref_seq.align_id                      1 
_struct_ref_seq.ref_id                        1 
_struct_ref_seq.pdbx_PDB_id_code              1H02 
_struct_ref_seq.pdbx_strand_id                B 
_struct_ref_seq.seq_align_beg                 1 
_struct_ref_seq.pdbx_seq_align_beg_ins_code   ? 
_struct_ref_seq.seq_align_end                 70 
_struct_ref_seq.pdbx_seq_align_end_ins_code   ? 
_struct_ref_seq.pdbx_db_accession             P01343 
_struct_ref_seq.db_align_beg                  49 
_struct_ref_seq.pdbx_db_align_beg_ins_code    ? 
_struct_ref_seq.db_align_end                  118 
_struct_ref_seq.pdbx_db_align_end_ins_code    ? 
_struct_ref_seq.pdbx_auth_seq_align_beg       1 
_struct_ref_seq.pdbx_auth_seq_align_end       70 
# 
_pdbx_struct_assembly.id                   1 
_pdbx_struct_assembly.details              author_and_software_defined_assembly 
_pdbx_struct_assembly.method_details       PQS 
_pdbx_struct_assembly.oligomeric_details   monomeric 
_pdbx_struct_assembly.oligomeric_count     1 
# 
_pdbx_struct_assembly_gen.assembly_id       1 
_pdbx_struct_assembly_gen.oper_expression   1 
_pdbx_struct_assembly_gen.asym_id_list      A,B,C 
# 
_pdbx_struct_oper_list.id                   1 
_pdbx_struct_oper_list.type                 'identity operation' 
_pdbx_struct_oper_list.name                 1_555 
_pdbx_struct_oper_list.symmetry_operation   x,y,z 
_pdbx_struct_oper_list.matrix[1][1]         1.0000000000 
_pdbx_struct_oper_list.matrix[1][2]         0.0000000000 
_pdbx_struct_oper_list.matrix[1][3]         0.0000000000 
_pdbx_struct_oper_list.vector[1]            0.0000000000 
_pdbx_struct_oper_list.matrix[2][1]         0.0000000000 
_pdbx_struct_oper_list.matrix[2][2]         1.0000000000 
_pdbx_struct_oper_list.matrix[2][3]         0.0000000000 
_pdbx_struct_oper_list.vector[2]            0.0000000000 
_pdbx_struct_oper_list.matrix[3][1]         0.0000000000 
_pdbx_struct_oper_list.matrix[3][2]         0.0000000000 
_pdbx_struct_oper_list.matrix[3][3]         1.0000000000 
_pdbx_struct_oper_list.vector[3]            0.0000000000 
# 
_struct_biol.id   1 
# 
loop_
_struct_conf.conf_type_id 
_struct_conf.id 
_struct_conf.pdbx_PDB_helix_id 
_struct_conf.beg_label_comp_id 
_struct_conf.beg_label_asym_id 
_struct_conf.beg_label_seq_id 
_struct_conf.pdbx_beg_PDB_ins_code 
_struct_conf.end_label_comp_id 
_struct_conf.end_label_asym_id 
_struct_conf.end_label_seq_id 
_struct_conf.pdbx_end_PDB_ins_code 
_struct_conf.beg_auth_comp_id 
_struct_conf.beg_auth_asym_id 
_struct_conf.beg_auth_seq_id 
_struct_conf.end_auth_comp_id 
_struct_conf.end_auth_asym_id 
_struct_conf.end_auth_seq_id 
_struct_conf.pdbx_PDB_helix_class 
_struct_conf.details 
_struct_conf.pdbx_PDB_helix_length 
HELX_P HELX_P1 1 CYS A 6  ? GLY A 19 ? CYS B 6  GLY B 19 1 ? 14 
HELX_P HELX_P2 2 ASP A 20 ? GLY A 22 ? ASP B 20 GLY B 22 5 ? 3  
HELX_P HELX_P3 3 GLY A 42 ? CYS A 48 ? GLY B 42 CYS B 48 1 ? 7  
HELX_P HELX_P4 4 ASP A 53 ? MET A 59 ? ASP B 53 MET B 59 1 ? 7  
# 
_struct_conf_type.id          HELX_P 
_struct_conf_type.criteria    ? 
_struct_conf_type.reference   ? 
# 
loop_
_struct_conn.id 
_struct_conn.conn_type_id 
_struct_conn.pdbx_leaving_atom_flag 
_struct_conn.pdbx_PDB_id 
_struct_conn.ptnr1_label_asym_id 
_struct_conn.ptnr1_label_comp_id 
_struct_conn.ptnr1_label_seq_id 
_struct_conn.ptnr1_label_atom_id 
_struct_conn.pdbx_ptnr1_label_alt_id 
_struct_conn.pdbx_ptnr1_PDB_ins_code 
_struct_conn.pdbx_ptnr1_standard_comp_id 
_struct_conn.ptnr1_symmetry 
_struct_conn.ptnr2_label_asym_id 
_struct_conn.ptnr2_label_comp_id 
_struct_conn.ptnr2_label_seq_id 
_struct_conn.ptnr2_label_atom_id 
_struct_conn.pdbx_ptnr2_label_alt_id 
_struct_conn.pdbx_ptnr2_PDB_ins_code 
_struct_conn.ptnr1_auth_asym_id 
_struct_conn.ptnr1_auth_comp_id 
_struct_conn.ptnr1_auth_seq_id 
_struct_conn.ptnr2_auth_asym_id 
_struct_conn.ptnr2_auth_comp_id 
_struct_conn.ptnr2_auth_seq_id 
_struct_conn.ptnr2_symmetry 
_struct_conn.pdbx_ptnr3_label_atom_id 
_struct_conn.pdbx_ptnr3_label_seq_id 
_struct_conn.pdbx_ptnr3_label_comp_id 
_struct_conn.pdbx_ptnr3_label_asym_id 
_struct_conn.pdbx_ptnr3_label_alt_id 
_struct_conn.pdbx_ptnr3_PDB_ins_code 
_struct_conn.details 
_struct_conn.pdbx_dist_value 
_struct_conn.pdbx_value_order 
_struct_conn.pdbx_role 
disulf1 disulf ? ? A CYS 6  SG ? ? ? 1_555 A CYS 48 SG ? ? B CYS 6  B CYS 48 1_555 ? ? ? ? ? ? ? 2.030 ? ? 
disulf2 disulf ? ? A CYS 18 SG ? ? ? 1_555 A CYS 61 SG ? ? B CYS 18 B CYS 61 1_555 ? ? ? ? ? ? ? 2.016 ? ? 
disulf3 disulf ? ? A CYS 47 SG ? ? ? 1_555 A CYS 52 SG ? ? B CYS 47 B CYS 52 1_555 ? ? ? ? ? ? ? 2.037 ? ? 
# 
_struct_conn_type.id          disulf 
_struct_conn_type.criteria    ? 
_struct_conn_type.reference   ? 
# 
loop_
_pdbx_modification_feature.ordinal 
_pdbx_modification_feature.label_comp_id 
_pdbx_modification_feature.label_asym_id 
_pdbx_modification_feature.label_seq_id 
_pdbx_modification_feature.label_alt_id 
_pdbx_modification_feature.modified_residue_label_comp_id 
_pdbx_modification_feature.modified_residue_label_asym_id 
_pdbx_modification_feature.modified_residue_label_seq_id 
_pdbx_modification_feature.modified_residue_label_alt_id 
_pdbx_modification_feature.auth_comp_id 
_pdbx_modification_feature.auth_asym_id 
_pdbx_modification_feature.auth_seq_id 
_pdbx_modification_feature.PDB_ins_code 
_pdbx_modification_feature.symmetry 
_pdbx_modification_feature.modified_residue_auth_comp_id 
_pdbx_modification_feature.modified_residue_auth_asym_id 
_pdbx_modification_feature.modified_residue_auth_seq_id 
_pdbx_modification_feature.modified_residue_PDB_ins_code 
_pdbx_modification_feature.modified_residue_symmetry 
_pdbx_modification_feature.comp_id_linking_atom 
_pdbx_modification_feature.modified_residue_id_linking_atom 
_pdbx_modification_feature.modified_residue_id 
_pdbx_modification_feature.ref_pcm_id 
_pdbx_modification_feature.ref_comp_id 
_pdbx_modification_feature.type 
_pdbx_modification_feature.category 
1 CYS A 6  ? CYS A 48 ? CYS B 6  ? 1_555 CYS B 48 ? 1_555 SG SG . . . None 'Disulfide bridge' 
2 CYS A 18 ? CYS A 61 ? CYS B 18 ? 1_555 CYS B 61 ? 1_555 SG SG . . . None 'Disulfide bridge' 
3 CYS A 47 ? CYS A 52 ? CYS B 47 ? 1_555 CYS B 52 ? 1_555 SG SG . . . None 'Disulfide bridge' 
# 
_struct_site.id                   AC1 
_struct_site.pdbx_evidence_code   Software 
_struct_site.pdbx_auth_asym_id    ? 
_struct_site.pdbx_auth_comp_id    ? 
_struct_site.pdbx_auth_seq_id     ? 
_struct_site.pdbx_auth_ins_code   ? 
_struct_site.pdbx_num_residues    6 
_struct_site.details              'BINDING SITE FOR RESIDUE C15 B1069' 
# 
loop_
_struct_site_gen.id 
_struct_site_gen.site_id 
_struct_site_gen.pdbx_num_res 
_struct_site_gen.label_comp_id 
_struct_site_gen.label_asym_id 
_struct_site_gen.label_seq_id 
_struct_site_gen.pdbx_auth_ins_code 
_struct_site_gen.auth_comp_id 
_struct_site_gen.auth_asym_id 
_struct_site_gen.auth_seq_id 
_struct_site_gen.label_atom_id 
_struct_site_gen.label_alt_id 
_struct_site_gen.symmetry 
_struct_site_gen.details 
1 AC1 6 VAL A 11 ? VAL B 11   . ? 1_555 ? 
2 AC1 6 PHE A 16 ? PHE B 16   . ? 1_555 ? 
3 AC1 6 PHE A 25 ? PHE B 25   . ? 1_555 ? 
4 AC1 6 ASN A 26 ? ASN B 26   . ? 1_555 ? 
5 AC1 6 TYR A 31 ? TYR B 31   . ? 1_555 ? 
6 AC1 6 HOH C .  ? HOH B 2023 . ? 1_555 ? 
# 
_pdbx_entry_details.entry_id                   1H02 
_pdbx_entry_details.compound_details           
;INSULIN-LIKE GROWTH FACTORS,ARE FUNCTIONALLY AND
 STRUCTURALLY RELATED TO INSULIN WITH HIGHER GROWTH-PROMOTING
 ACTIVITY.
;
_pdbx_entry_details.source_details             ? 
_pdbx_entry_details.nonpolymer_details         ? 
_pdbx_entry_details.sequence_details           ? 
_pdbx_entry_details.has_ligand_of_interest     ? 
_pdbx_entry_details.has_protein_modification   Y 
# 
_pdbx_validate_close_contact.id               1 
_pdbx_validate_close_contact.PDB_model_num    1 
_pdbx_validate_close_contact.auth_atom_id_1   O 
_pdbx_validate_close_contact.auth_asym_id_1   B 
_pdbx_validate_close_contact.auth_comp_id_1   LEU 
_pdbx_validate_close_contact.auth_seq_id_1    64 
_pdbx_validate_close_contact.PDB_ins_code_1   ? 
_pdbx_validate_close_contact.label_alt_id_1   ? 
_pdbx_validate_close_contact.auth_atom_id_2   O 
_pdbx_validate_close_contact.auth_asym_id_2   B 
_pdbx_validate_close_contact.auth_comp_id_2   HOH 
_pdbx_validate_close_contact.auth_seq_id_2    2022 
_pdbx_validate_close_contact.PDB_ins_code_2   ? 
_pdbx_validate_close_contact.label_alt_id_2   ? 
_pdbx_validate_close_contact.dist             2.13 
# 
loop_
_pdbx_validate_symm_contact.id 
_pdbx_validate_symm_contact.PDB_model_num 
_pdbx_validate_symm_contact.auth_atom_id_1 
_pdbx_validate_symm_contact.auth_asym_id_1 
_pdbx_validate_symm_contact.auth_comp_id_1 
_pdbx_validate_symm_contact.auth_seq_id_1 
_pdbx_validate_symm_contact.PDB_ins_code_1 
_pdbx_validate_symm_contact.label_alt_id_1 
_pdbx_validate_symm_contact.site_symmetry_1 
_pdbx_validate_symm_contact.auth_atom_id_2 
_pdbx_validate_symm_contact.auth_asym_id_2 
_pdbx_validate_symm_contact.auth_comp_id_2 
_pdbx_validate_symm_contact.auth_seq_id_2 
_pdbx_validate_symm_contact.PDB_ins_code_2 
_pdbx_validate_symm_contact.label_alt_id_2 
_pdbx_validate_symm_contact.site_symmetry_2 
_pdbx_validate_symm_contact.dist 
1 1 OD2 B ASP 12 ? ? 1_555 NH2 B ARG 55 ? A 8_556 1.91 
2 1 CG  B PRO 39 ? ? 1_555 CB  B ALA 67 ? ? 2_654 2.19 
# 
_pdbx_validate_rmsd_bond.id                        1 
_pdbx_validate_rmsd_bond.PDB_model_num             1 
_pdbx_validate_rmsd_bond.auth_atom_id_1            CA 
_pdbx_validate_rmsd_bond.auth_asym_id_1            B 
_pdbx_validate_rmsd_bond.auth_comp_id_1            SER 
_pdbx_validate_rmsd_bond.auth_seq_id_1             33 
_pdbx_validate_rmsd_bond.PDB_ins_code_1            ? 
_pdbx_validate_rmsd_bond.label_alt_id_1            ? 
_pdbx_validate_rmsd_bond.auth_atom_id_2            CB 
_pdbx_validate_rmsd_bond.auth_asym_id_2            B 
_pdbx_validate_rmsd_bond.auth_comp_id_2            SER 
_pdbx_validate_rmsd_bond.auth_seq_id_2             33 
_pdbx_validate_rmsd_bond.PDB_ins_code_2            ? 
_pdbx_validate_rmsd_bond.label_alt_id_2            ? 
_pdbx_validate_rmsd_bond.bond_value                1.896 
_pdbx_validate_rmsd_bond.bond_target_value         1.525 
_pdbx_validate_rmsd_bond.bond_deviation            0.371 
_pdbx_validate_rmsd_bond.bond_standard_deviation   0.015 
_pdbx_validate_rmsd_bond.linker_flag               N 
# 
_pdbx_validate_rmsd_angle.id                         1 
_pdbx_validate_rmsd_angle.PDB_model_num              1 
_pdbx_validate_rmsd_angle.auth_atom_id_1             N 
_pdbx_validate_rmsd_angle.auth_asym_id_1             B 
_pdbx_validate_rmsd_angle.auth_comp_id_1             SER 
_pdbx_validate_rmsd_angle.auth_seq_id_1              33 
_pdbx_validate_rmsd_angle.PDB_ins_code_1             ? 
_pdbx_validate_rmsd_angle.label_alt_id_1             ? 
_pdbx_validate_rmsd_angle.auth_atom_id_2             CA 
_pdbx_validate_rmsd_angle.auth_asym_id_2             B 
_pdbx_validate_rmsd_angle.auth_comp_id_2             SER 
_pdbx_validate_rmsd_angle.auth_seq_id_2              33 
_pdbx_validate_rmsd_angle.PDB_ins_code_2             ? 
_pdbx_validate_rmsd_angle.label_alt_id_2             ? 
_pdbx_validate_rmsd_angle.auth_atom_id_3             CB 
_pdbx_validate_rmsd_angle.auth_asym_id_3             B 
_pdbx_validate_rmsd_angle.auth_comp_id_3             SER 
_pdbx_validate_rmsd_angle.auth_seq_id_3              33 
_pdbx_validate_rmsd_angle.PDB_ins_code_3             ? 
_pdbx_validate_rmsd_angle.label_alt_id_3             ? 
_pdbx_validate_rmsd_angle.angle_value                95.27 
_pdbx_validate_rmsd_angle.angle_target_value         110.50 
_pdbx_validate_rmsd_angle.angle_deviation            -15.23 
_pdbx_validate_rmsd_angle.angle_standard_deviation   1.50 
_pdbx_validate_rmsd_angle.linker_flag                N 
# 
loop_
_pdbx_validate_torsion.id 
_pdbx_validate_torsion.PDB_model_num 
_pdbx_validate_torsion.auth_comp_id 
_pdbx_validate_torsion.auth_asym_id 
_pdbx_validate_torsion.auth_seq_id 
_pdbx_validate_torsion.PDB_ins_code 
_pdbx_validate_torsion.label_alt_id 
_pdbx_validate_torsion.phi 
_pdbx_validate_torsion.psi 
1 1 SER B 33 ? ? -103.00 -146.08 
2 1 PRO B 39 ? ? -21.07  -139.30 
3 1 PRO B 63 ? ? -58.58  178.63  
4 1 LYS B 65 ? ? 98.04   -83.77  
5 1 PRO B 66 ? ? -54.17  -164.64 
# 
_pdbx_validate_peptide_omega.id               1 
_pdbx_validate_peptide_omega.PDB_model_num    1 
_pdbx_validate_peptide_omega.auth_comp_id_1   LYS 
_pdbx_validate_peptide_omega.auth_asym_id_1   B 
_pdbx_validate_peptide_omega.auth_seq_id_1    65 
_pdbx_validate_peptide_omega.PDB_ins_code_1   ? 
_pdbx_validate_peptide_omega.label_alt_id_1   ? 
_pdbx_validate_peptide_omega.auth_comp_id_2   PRO 
_pdbx_validate_peptide_omega.auth_asym_id_2   B 
_pdbx_validate_peptide_omega.auth_seq_id_2    66 
_pdbx_validate_peptide_omega.PDB_ins_code_2   ? 
_pdbx_validate_peptide_omega.label_alt_id_2   ? 
_pdbx_validate_peptide_omega.omega            -69.22 
# 
_pdbx_struct_special_symmetry.id              1 
_pdbx_struct_special_symmetry.PDB_model_num   1 
_pdbx_struct_special_symmetry.auth_asym_id    B 
_pdbx_struct_special_symmetry.auth_comp_id    HOH 
_pdbx_struct_special_symmetry.auth_seq_id     2016 
_pdbx_struct_special_symmetry.PDB_ins_code    ? 
_pdbx_struct_special_symmetry.label_asym_id   C 
_pdbx_struct_special_symmetry.label_comp_id   HOH 
_pdbx_struct_special_symmetry.label_seq_id    . 
# 
_pdbx_distant_solvent_atoms.id                                1 
_pdbx_distant_solvent_atoms.PDB_model_num                     1 
_pdbx_distant_solvent_atoms.auth_atom_id                      O 
_pdbx_distant_solvent_atoms.label_alt_id                      ? 
_pdbx_distant_solvent_atoms.auth_asym_id                      B 
_pdbx_distant_solvent_atoms.auth_comp_id                      HOH 
_pdbx_distant_solvent_atoms.auth_seq_id                       2013 
_pdbx_distant_solvent_atoms.PDB_ins_code                      ? 
_pdbx_distant_solvent_atoms.neighbor_macromolecule_distance   7.09 
_pdbx_distant_solvent_atoms.neighbor_ligand_distance          . 
# 
loop_
_pdbx_unobs_or_zero_occ_residues.id 
_pdbx_unobs_or_zero_occ_residues.PDB_model_num 
_pdbx_unobs_or_zero_occ_residues.polymer_flag 
_pdbx_unobs_or_zero_occ_residues.occupancy_flag 
_pdbx_unobs_or_zero_occ_residues.auth_asym_id 
_pdbx_unobs_or_zero_occ_residues.auth_comp_id 
_pdbx_unobs_or_zero_occ_residues.auth_seq_id 
_pdbx_unobs_or_zero_occ_residues.PDB_ins_code 
_pdbx_unobs_or_zero_occ_residues.label_asym_id 
_pdbx_unobs_or_zero_occ_residues.label_comp_id 
_pdbx_unobs_or_zero_occ_residues.label_seq_id 
1 1 Y 1 B GLY 1  ? A GLY 1  
2 1 Y 1 B PRO 2  ? A PRO 2  
3 1 Y 1 B ARG 36 ? A ARG 36 
4 1 Y 1 B ARG 37 ? A ARG 37 
5 1 Y 1 B SER 69 ? A SER 69 
6 1 Y 1 B ALA 70 ? A ALA 70 
# 
loop_
_chem_comp_atom.comp_id 
_chem_comp_atom.atom_id 
_chem_comp_atom.type_symbol 
_chem_comp_atom.pdbx_aromatic_flag 
_chem_comp_atom.pdbx_stereo_config 
_chem_comp_atom.pdbx_ordinal 
ALA N    N N N 1   
ALA CA   C N S 2   
ALA C    C N N 3   
ALA O    O N N 4   
ALA CB   C N N 5   
ALA OXT  O N N 6   
ALA H    H N N 7   
ALA H2   H N N 8   
ALA HA   H N N 9   
ALA HB1  H N N 10  
ALA HB2  H N N 11  
ALA HB3  H N N 12  
ALA HXT  H N N 13  
ARG N    N N N 14  
ARG CA   C N S 15  
ARG C    C N N 16  
ARG O    O N N 17  
ARG CB   C N N 18  
ARG CG   C N N 19  
ARG CD   C N N 20  
ARG NE   N N N 21  
ARG CZ   C N N 22  
ARG NH1  N N N 23  
ARG NH2  N N N 24  
ARG OXT  O N N 25  
ARG H    H N N 26  
ARG H2   H N N 27  
ARG HA   H N N 28  
ARG HB2  H N N 29  
ARG HB3  H N N 30  
ARG HG2  H N N 31  
ARG HG3  H N N 32  
ARG HD2  H N N 33  
ARG HD3  H N N 34  
ARG HE   H N N 35  
ARG HH11 H N N 36  
ARG HH12 H N N 37  
ARG HH21 H N N 38  
ARG HH22 H N N 39  
ARG HXT  H N N 40  
ASN N    N N N 41  
ASN CA   C N S 42  
ASN C    C N N 43  
ASN O    O N N 44  
ASN CB   C N N 45  
ASN CG   C N N 46  
ASN OD1  O N N 47  
ASN ND2  N N N 48  
ASN OXT  O N N 49  
ASN H    H N N 50  
ASN H2   H N N 51  
ASN HA   H N N 52  
ASN HB2  H N N 53  
ASN HB3  H N N 54  
ASN HD21 H N N 55  
ASN HD22 H N N 56  
ASN HXT  H N N 57  
ASP N    N N N 58  
ASP CA   C N S 59  
ASP C    C N N 60  
ASP O    O N N 61  
ASP CB   C N N 62  
ASP CG   C N N 63  
ASP OD1  O N N 64  
ASP OD2  O N N 65  
ASP OXT  O N N 66  
ASP H    H N N 67  
ASP H2   H N N 68  
ASP HA   H N N 69  
ASP HB2  H N N 70  
ASP HB3  H N N 71  
ASP HD2  H N N 72  
ASP HXT  H N N 73  
C15 C1   C N N 74  
C15 C2   C N N 75  
C15 C3   C N N 76  
C15 C5   C N N 77  
C15 C6   C N N 78  
C15 C7   C N N 79  
C15 C8   C N N 80  
C15 N1   N N N 81  
C15 C1N  C N N 82  
C15 C2N  C N N 83  
C15 C9   C N N 84  
C15 C10  C N N 85  
C15 C11  C N N 86  
C15 C12  C N N 87  
C15 C13  C N N 88  
C15 C14  C N N 89  
C15 C15  C N N 90  
C15 C16  C N N 91  
C15 S1   S N N 92  
C15 O1S  O N N 93  
C15 O2S  O N N 94  
C15 O3S  O N N 95  
C15 H1C1 H N N 96  
C15 H1C2 H N N 97  
C15 H2C1 H N N 98  
C15 H2C2 H N N 99  
C15 H3C1 H N N 100 
C15 H3C2 H N N 101 
C15 H5C1 H N N 102 
C15 H5C2 H N N 103 
C15 H5C3 H N N 104 
C15 H6C1 H N N 105 
C15 H6C2 H N N 106 
C15 H7C1 H N N 107 
C15 H7C2 H N N 108 
C15 H8C1 H N N 109 
C15 H8C2 H N N 110 
C15 HCN1 H N N 111 
C15 HCN2 H N N 112 
C15 HCN3 H N N 113 
C15 HCN4 H N N 114 
C15 HCN5 H N N 115 
C15 HCN6 H N N 116 
C15 H9C1 H N N 117 
C15 H9C2 H N N 118 
C15 H101 H N N 119 
C15 H102 H N N 120 
C15 H111 H N N 121 
C15 H112 H N N 122 
C15 H121 H N N 123 
C15 H122 H N N 124 
C15 H131 H N N 125 
C15 H132 H N N 126 
C15 H141 H N N 127 
C15 H142 H N N 128 
C15 H151 H N N 129 
C15 H152 H N N 130 
C15 H161 H N N 131 
C15 H162 H N N 132 
C15 H3S  H N N 133 
CYS N    N N N 134 
CYS CA   C N R 135 
CYS C    C N N 136 
CYS O    O N N 137 
CYS CB   C N N 138 
CYS SG   S N N 139 
CYS OXT  O N N 140 
CYS H    H N N 141 
CYS H2   H N N 142 
CYS HA   H N N 143 
CYS HB2  H N N 144 
CYS HB3  H N N 145 
CYS HG   H N N 146 
CYS HXT  H N N 147 
GLN N    N N N 148 
GLN CA   C N S 149 
GLN C    C N N 150 
GLN O    O N N 151 
GLN CB   C N N 152 
GLN CG   C N N 153 
GLN CD   C N N 154 
GLN OE1  O N N 155 
GLN NE2  N N N 156 
GLN OXT  O N N 157 
GLN H    H N N 158 
GLN H2   H N N 159 
GLN HA   H N N 160 
GLN HB2  H N N 161 
GLN HB3  H N N 162 
GLN HG2  H N N 163 
GLN HG3  H N N 164 
GLN HE21 H N N 165 
GLN HE22 H N N 166 
GLN HXT  H N N 167 
GLU N    N N N 168 
GLU CA   C N S 169 
GLU C    C N N 170 
GLU O    O N N 171 
GLU CB   C N N 172 
GLU CG   C N N 173 
GLU CD   C N N 174 
GLU OE1  O N N 175 
GLU OE2  O N N 176 
GLU OXT  O N N 177 
GLU H    H N N 178 
GLU H2   H N N 179 
GLU HA   H N N 180 
GLU HB2  H N N 181 
GLU HB3  H N N 182 
GLU HG2  H N N 183 
GLU HG3  H N N 184 
GLU HE2  H N N 185 
GLU HXT  H N N 186 
GLY N    N N N 187 
GLY CA   C N N 188 
GLY C    C N N 189 
GLY O    O N N 190 
GLY OXT  O N N 191 
GLY H    H N N 192 
GLY H2   H N N 193 
GLY HA2  H N N 194 
GLY HA3  H N N 195 
GLY HXT  H N N 196 
HOH O    O N N 197 
HOH H1   H N N 198 
HOH H2   H N N 199 
ILE N    N N N 200 
ILE CA   C N S 201 
ILE C    C N N 202 
ILE O    O N N 203 
ILE CB   C N S 204 
ILE CG1  C N N 205 
ILE CG2  C N N 206 
ILE CD1  C N N 207 
ILE OXT  O N N 208 
ILE H    H N N 209 
ILE H2   H N N 210 
ILE HA   H N N 211 
ILE HB   H N N 212 
ILE HG12 H N N 213 
ILE HG13 H N N 214 
ILE HG21 H N N 215 
ILE HG22 H N N 216 
ILE HG23 H N N 217 
ILE HD11 H N N 218 
ILE HD12 H N N 219 
ILE HD13 H N N 220 
ILE HXT  H N N 221 
LEU N    N N N 222 
LEU CA   C N S 223 
LEU C    C N N 224 
LEU O    O N N 225 
LEU CB   C N N 226 
LEU CG   C N N 227 
LEU CD1  C N N 228 
LEU CD2  C N N 229 
LEU OXT  O N N 230 
LEU H    H N N 231 
LEU H2   H N N 232 
LEU HA   H N N 233 
LEU HB2  H N N 234 
LEU HB3  H N N 235 
LEU HG   H N N 236 
LEU HD11 H N N 237 
LEU HD12 H N N 238 
LEU HD13 H N N 239 
LEU HD21 H N N 240 
LEU HD22 H N N 241 
LEU HD23 H N N 242 
LEU HXT  H N N 243 
LYS N    N N N 244 
LYS CA   C N S 245 
LYS C    C N N 246 
LYS O    O N N 247 
LYS CB   C N N 248 
LYS CG   C N N 249 
LYS CD   C N N 250 
LYS CE   C N N 251 
LYS NZ   N N N 252 
LYS OXT  O N N 253 
LYS H    H N N 254 
LYS H2   H N N 255 
LYS HA   H N N 256 
LYS HB2  H N N 257 
LYS HB3  H N N 258 
LYS HG2  H N N 259 
LYS HG3  H N N 260 
LYS HD2  H N N 261 
LYS HD3  H N N 262 
LYS HE2  H N N 263 
LYS HE3  H N N 264 
LYS HZ1  H N N 265 
LYS HZ2  H N N 266 
LYS HZ3  H N N 267 
LYS HXT  H N N 268 
MET N    N N N 269 
MET CA   C N S 270 
MET C    C N N 271 
MET O    O N N 272 
MET CB   C N N 273 
MET CG   C N N 274 
MET SD   S N N 275 
MET CE   C N N 276 
MET OXT  O N N 277 
MET H    H N N 278 
MET H2   H N N 279 
MET HA   H N N 280 
MET HB2  H N N 281 
MET HB3  H N N 282 
MET HG2  H N N 283 
MET HG3  H N N 284 
MET HE1  H N N 285 
MET HE2  H N N 286 
MET HE3  H N N 287 
MET HXT  H N N 288 
PHE N    N N N 289 
PHE CA   C N S 290 
PHE C    C N N 291 
PHE O    O N N 292 
PHE CB   C N N 293 
PHE CG   C Y N 294 
PHE CD1  C Y N 295 
PHE CD2  C Y N 296 
PHE CE1  C Y N 297 
PHE CE2  C Y N 298 
PHE CZ   C Y N 299 
PHE OXT  O N N 300 
PHE H    H N N 301 
PHE H2   H N N 302 
PHE HA   H N N 303 
PHE HB2  H N N 304 
PHE HB3  H N N 305 
PHE HD1  H N N 306 
PHE HD2  H N N 307 
PHE HE1  H N N 308 
PHE HE2  H N N 309 
PHE HZ   H N N 310 
PHE HXT  H N N 311 
PRO N    N N N 312 
PRO CA   C N S 313 
PRO C    C N N 314 
PRO O    O N N 315 
PRO CB   C N N 316 
PRO CG   C N N 317 
PRO CD   C N N 318 
PRO OXT  O N N 319 
PRO H    H N N 320 
PRO HA   H N N 321 
PRO HB2  H N N 322 
PRO HB3  H N N 323 
PRO HG2  H N N 324 
PRO HG3  H N N 325 
PRO HD2  H N N 326 
PRO HD3  H N N 327 
PRO HXT  H N N 328 
SER N    N N N 329 
SER CA   C N S 330 
SER C    C N N 331 
SER O    O N N 332 
SER CB   C N N 333 
SER OG   O N N 334 
SER OXT  O N N 335 
SER H    H N N 336 
SER H2   H N N 337 
SER HA   H N N 338 
SER HB2  H N N 339 
SER HB3  H N N 340 
SER HG   H N N 341 
SER HXT  H N N 342 
THR N    N N N 343 
THR CA   C N S 344 
THR C    C N N 345 
THR O    O N N 346 
THR CB   C N R 347 
THR OG1  O N N 348 
THR CG2  C N N 349 
THR OXT  O N N 350 
THR H    H N N 351 
THR H2   H N N 352 
THR HA   H N N 353 
THR HB   H N N 354 
THR HG1  H N N 355 
THR HG21 H N N 356 
THR HG22 H N N 357 
THR HG23 H N N 358 
THR HXT  H N N 359 
TYR N    N N N 360 
TYR CA   C N S 361 
TYR C    C N N 362 
TYR O    O N N 363 
TYR CB   C N N 364 
TYR CG   C Y N 365 
TYR CD1  C Y N 366 
TYR CD2  C Y N 367 
TYR CE1  C Y N 368 
TYR CE2  C Y N 369 
TYR CZ   C Y N 370 
TYR OH   O N N 371 
TYR OXT  O N N 372 
TYR H    H N N 373 
TYR H2   H N N 374 
TYR HA   H N N 375 
TYR HB2  H N N 376 
TYR HB3  H N N 377 
TYR HD1  H N N 378 
TYR HD2  H N N 379 
TYR HE1  H N N 380 
TYR HE2  H N N 381 
TYR HH   H N N 382 
TYR HXT  H N N 383 
VAL N    N N N 384 
VAL CA   C N S 385 
VAL C    C N N 386 
VAL O    O N N 387 
VAL CB   C N N 388 
VAL CG1  C N N 389 
VAL CG2  C N N 390 
VAL OXT  O N N 391 
VAL H    H N N 392 
VAL H2   H N N 393 
VAL HA   H N N 394 
VAL HB   H N N 395 
VAL HG11 H N N 396 
VAL HG12 H N N 397 
VAL HG13 H N N 398 
VAL HG21 H N N 399 
VAL HG22 H N N 400 
VAL HG23 H N N 401 
VAL HXT  H N N 402 
# 
loop_
_chem_comp_bond.comp_id 
_chem_comp_bond.atom_id_1 
_chem_comp_bond.atom_id_2 
_chem_comp_bond.value_order 
_chem_comp_bond.pdbx_aromatic_flag 
_chem_comp_bond.pdbx_stereo_config 
_chem_comp_bond.pdbx_ordinal 
ALA N   CA   sing N N 1   
ALA N   H    sing N N 2   
ALA N   H2   sing N N 3   
ALA CA  C    sing N N 4   
ALA CA  CB   sing N N 5   
ALA CA  HA   sing N N 6   
ALA C   O    doub N N 7   
ALA C   OXT  sing N N 8   
ALA CB  HB1  sing N N 9   
ALA CB  HB2  sing N N 10  
ALA CB  HB3  sing N N 11  
ALA OXT HXT  sing N N 12  
ARG N   CA   sing N N 13  
ARG N   H    sing N N 14  
ARG N   H2   sing N N 15  
ARG CA  C    sing N N 16  
ARG CA  CB   sing N N 17  
ARG CA  HA   sing N N 18  
ARG C   O    doub N N 19  
ARG C   OXT  sing N N 20  
ARG CB  CG   sing N N 21  
ARG CB  HB2  sing N N 22  
ARG CB  HB3  sing N N 23  
ARG CG  CD   sing N N 24  
ARG CG  HG2  sing N N 25  
ARG CG  HG3  sing N N 26  
ARG CD  NE   sing N N 27  
ARG CD  HD2  sing N N 28  
ARG CD  HD3  sing N N 29  
ARG NE  CZ   sing N N 30  
ARG NE  HE   sing N N 31  
ARG CZ  NH1  sing N N 32  
ARG CZ  NH2  doub N N 33  
ARG NH1 HH11 sing N N 34  
ARG NH1 HH12 sing N N 35  
ARG NH2 HH21 sing N N 36  
ARG NH2 HH22 sing N N 37  
ARG OXT HXT  sing N N 38  
ASN N   CA   sing N N 39  
ASN N   H    sing N N 40  
ASN N   H2   sing N N 41  
ASN CA  C    sing N N 42  
ASN CA  CB   sing N N 43  
ASN CA  HA   sing N N 44  
ASN C   O    doub N N 45  
ASN C   OXT  sing N N 46  
ASN CB  CG   sing N N 47  
ASN CB  HB2  sing N N 48  
ASN CB  HB3  sing N N 49  
ASN CG  OD1  doub N N 50  
ASN CG  ND2  sing N N 51  
ASN ND2 HD21 sing N N 52  
ASN ND2 HD22 sing N N 53  
ASN OXT HXT  sing N N 54  
ASP N   CA   sing N N 55  
ASP N   H    sing N N 56  
ASP N   H2   sing N N 57  
ASP CA  C    sing N N 58  
ASP CA  CB   sing N N 59  
ASP CA  HA   sing N N 60  
ASP C   O    doub N N 61  
ASP C   OXT  sing N N 62  
ASP CB  CG   sing N N 63  
ASP CB  HB2  sing N N 64  
ASP CB  HB3  sing N N 65  
ASP CG  OD1  doub N N 66  
ASP CG  OD2  sing N N 67  
ASP OD2 HD2  sing N N 68  
ASP OXT HXT  sing N N 69  
C15 C1  C2   sing N N 70  
C15 C1  S1   sing N N 71  
C15 C1  H1C1 sing N N 72  
C15 C1  H1C2 sing N N 73  
C15 C2  C3   sing N N 74  
C15 C2  H2C1 sing N N 75  
C15 C2  H2C2 sing N N 76  
C15 C3  N1   sing N N 77  
C15 C3  H3C1 sing N N 78  
C15 C3  H3C2 sing N N 79  
C15 C5  C6   sing N N 80  
C15 C5  H5C1 sing N N 81  
C15 C5  H5C2 sing N N 82  
C15 C5  H5C3 sing N N 83  
C15 C6  C7   sing N N 84  
C15 C6  H6C1 sing N N 85  
C15 C6  H6C2 sing N N 86  
C15 C7  C8   sing N N 87  
C15 C7  H7C1 sing N N 88  
C15 C7  H7C2 sing N N 89  
C15 C8  C9   sing N N 90  
C15 C8  H8C1 sing N N 91  
C15 C8  H8C2 sing N N 92  
C15 N1  C1N  sing N N 93  
C15 N1  C2N  sing N N 94  
C15 N1  C16  sing N N 95  
C15 C1N HCN1 sing N N 96  
C15 C1N HCN2 sing N N 97  
C15 C1N HCN3 sing N N 98  
C15 C2N HCN4 sing N N 99  
C15 C2N HCN5 sing N N 100 
C15 C2N HCN6 sing N N 101 
C15 C9  C10  sing N N 102 
C15 C9  H9C1 sing N N 103 
C15 C9  H9C2 sing N N 104 
C15 C10 C11  sing N N 105 
C15 C10 H101 sing N N 106 
C15 C10 H102 sing N N 107 
C15 C11 C12  sing N N 108 
C15 C11 H111 sing N N 109 
C15 C11 H112 sing N N 110 
C15 C12 C13  sing N N 111 
C15 C12 H121 sing N N 112 
C15 C12 H122 sing N N 113 
C15 C13 C14  sing N N 114 
C15 C13 H131 sing N N 115 
C15 C13 H132 sing N N 116 
C15 C14 C15  sing N N 117 
C15 C14 H141 sing N N 118 
C15 C14 H142 sing N N 119 
C15 C15 C16  sing N N 120 
C15 C15 H151 sing N N 121 
C15 C15 H152 sing N N 122 
C15 C16 H161 sing N N 123 
C15 C16 H162 sing N N 124 
C15 S1  O1S  doub N N 125 
C15 S1  O2S  doub N N 126 
C15 S1  O3S  sing N N 127 
C15 O3S H3S  sing N N 128 
CYS N   CA   sing N N 129 
CYS N   H    sing N N 130 
CYS N   H2   sing N N 131 
CYS CA  C    sing N N 132 
CYS CA  CB   sing N N 133 
CYS CA  HA   sing N N 134 
CYS C   O    doub N N 135 
CYS C   OXT  sing N N 136 
CYS CB  SG   sing N N 137 
CYS CB  HB2  sing N N 138 
CYS CB  HB3  sing N N 139 
CYS SG  HG   sing N N 140 
CYS OXT HXT  sing N N 141 
GLN N   CA   sing N N 142 
GLN N   H    sing N N 143 
GLN N   H2   sing N N 144 
GLN CA  C    sing N N 145 
GLN CA  CB   sing N N 146 
GLN CA  HA   sing N N 147 
GLN C   O    doub N N 148 
GLN C   OXT  sing N N 149 
GLN CB  CG   sing N N 150 
GLN CB  HB2  sing N N 151 
GLN CB  HB3  sing N N 152 
GLN CG  CD   sing N N 153 
GLN CG  HG2  sing N N 154 
GLN CG  HG3  sing N N 155 
GLN CD  OE1  doub N N 156 
GLN CD  NE2  sing N N 157 
GLN NE2 HE21 sing N N 158 
GLN NE2 HE22 sing N N 159 
GLN OXT HXT  sing N N 160 
GLU N   CA   sing N N 161 
GLU N   H    sing N N 162 
GLU N   H2   sing N N 163 
GLU CA  C    sing N N 164 
GLU CA  CB   sing N N 165 
GLU CA  HA   sing N N 166 
GLU C   O    doub N N 167 
GLU C   OXT  sing N N 168 
GLU CB  CG   sing N N 169 
GLU CB  HB2  sing N N 170 
GLU CB  HB3  sing N N 171 
GLU CG  CD   sing N N 172 
GLU CG  HG2  sing N N 173 
GLU CG  HG3  sing N N 174 
GLU CD  OE1  doub N N 175 
GLU CD  OE2  sing N N 176 
GLU OE2 HE2  sing N N 177 
GLU OXT HXT  sing N N 178 
GLY N   CA   sing N N 179 
GLY N   H    sing N N 180 
GLY N   H2   sing N N 181 
GLY CA  C    sing N N 182 
GLY CA  HA2  sing N N 183 
GLY CA  HA3  sing N N 184 
GLY C   O    doub N N 185 
GLY C   OXT  sing N N 186 
GLY OXT HXT  sing N N 187 
HOH O   H1   sing N N 188 
HOH O   H2   sing N N 189 
ILE N   CA   sing N N 190 
ILE N   H    sing N N 191 
ILE N   H2   sing N N 192 
ILE CA  C    sing N N 193 
ILE CA  CB   sing N N 194 
ILE CA  HA   sing N N 195 
ILE C   O    doub N N 196 
ILE C   OXT  sing N N 197 
ILE CB  CG1  sing N N 198 
ILE CB  CG2  sing N N 199 
ILE CB  HB   sing N N 200 
ILE CG1 CD1  sing N N 201 
ILE CG1 HG12 sing N N 202 
ILE CG1 HG13 sing N N 203 
ILE CG2 HG21 sing N N 204 
ILE CG2 HG22 sing N N 205 
ILE CG2 HG23 sing N N 206 
ILE CD1 HD11 sing N N 207 
ILE CD1 HD12 sing N N 208 
ILE CD1 HD13 sing N N 209 
ILE OXT HXT  sing N N 210 
LEU N   CA   sing N N 211 
LEU N   H    sing N N 212 
LEU N   H2   sing N N 213 
LEU CA  C    sing N N 214 
LEU CA  CB   sing N N 215 
LEU CA  HA   sing N N 216 
LEU C   O    doub N N 217 
LEU C   OXT  sing N N 218 
LEU CB  CG   sing N N 219 
LEU CB  HB2  sing N N 220 
LEU CB  HB3  sing N N 221 
LEU CG  CD1  sing N N 222 
LEU CG  CD2  sing N N 223 
LEU CG  HG   sing N N 224 
LEU CD1 HD11 sing N N 225 
LEU CD1 HD12 sing N N 226 
LEU CD1 HD13 sing N N 227 
LEU CD2 HD21 sing N N 228 
LEU CD2 HD22 sing N N 229 
LEU CD2 HD23 sing N N 230 
LEU OXT HXT  sing N N 231 
LYS N   CA   sing N N 232 
LYS N   H    sing N N 233 
LYS N   H2   sing N N 234 
LYS CA  C    sing N N 235 
LYS CA  CB   sing N N 236 
LYS CA  HA   sing N N 237 
LYS C   O    doub N N 238 
LYS C   OXT  sing N N 239 
LYS CB  CG   sing N N 240 
LYS CB  HB2  sing N N 241 
LYS CB  HB3  sing N N 242 
LYS CG  CD   sing N N 243 
LYS CG  HG2  sing N N 244 
LYS CG  HG3  sing N N 245 
LYS CD  CE   sing N N 246 
LYS CD  HD2  sing N N 247 
LYS CD  HD3  sing N N 248 
LYS CE  NZ   sing N N 249 
LYS CE  HE2  sing N N 250 
LYS CE  HE3  sing N N 251 
LYS NZ  HZ1  sing N N 252 
LYS NZ  HZ2  sing N N 253 
LYS NZ  HZ3  sing N N 254 
LYS OXT HXT  sing N N 255 
MET N   CA   sing N N 256 
MET N   H    sing N N 257 
MET N   H2   sing N N 258 
MET CA  C    sing N N 259 
MET CA  CB   sing N N 260 
MET CA  HA   sing N N 261 
MET C   O    doub N N 262 
MET C   OXT  sing N N 263 
MET CB  CG   sing N N 264 
MET CB  HB2  sing N N 265 
MET CB  HB3  sing N N 266 
MET CG  SD   sing N N 267 
MET CG  HG2  sing N N 268 
MET CG  HG3  sing N N 269 
MET SD  CE   sing N N 270 
MET CE  HE1  sing N N 271 
MET CE  HE2  sing N N 272 
MET CE  HE3  sing N N 273 
MET OXT HXT  sing N N 274 
PHE N   CA   sing N N 275 
PHE N   H    sing N N 276 
PHE N   H2   sing N N 277 
PHE CA  C    sing N N 278 
PHE CA  CB   sing N N 279 
PHE CA  HA   sing N N 280 
PHE C   O    doub N N 281 
PHE C   OXT  sing N N 282 
PHE CB  CG   sing N N 283 
PHE CB  HB2  sing N N 284 
PHE CB  HB3  sing N N 285 
PHE CG  CD1  doub Y N 286 
PHE CG  CD2  sing Y N 287 
PHE CD1 CE1  sing Y N 288 
PHE CD1 HD1  sing N N 289 
PHE CD2 CE2  doub Y N 290 
PHE CD2 HD2  sing N N 291 
PHE CE1 CZ   doub Y N 292 
PHE CE1 HE1  sing N N 293 
PHE CE2 CZ   sing Y N 294 
PHE CE2 HE2  sing N N 295 
PHE CZ  HZ   sing N N 296 
PHE OXT HXT  sing N N 297 
PRO N   CA   sing N N 298 
PRO N   CD   sing N N 299 
PRO N   H    sing N N 300 
PRO CA  C    sing N N 301 
PRO CA  CB   sing N N 302 
PRO CA  HA   sing N N 303 
PRO C   O    doub N N 304 
PRO C   OXT  sing N N 305 
PRO CB  CG   sing N N 306 
PRO CB  HB2  sing N N 307 
PRO CB  HB3  sing N N 308 
PRO CG  CD   sing N N 309 
PRO CG  HG2  sing N N 310 
PRO CG  HG3  sing N N 311 
PRO CD  HD2  sing N N 312 
PRO CD  HD3  sing N N 313 
PRO OXT HXT  sing N N 314 
SER N   CA   sing N N 315 
SER N   H    sing N N 316 
SER N   H2   sing N N 317 
SER CA  C    sing N N 318 
SER CA  CB   sing N N 319 
SER CA  HA   sing N N 320 
SER C   O    doub N N 321 
SER C   OXT  sing N N 322 
SER CB  OG   sing N N 323 
SER CB  HB2  sing N N 324 
SER CB  HB3  sing N N 325 
SER OG  HG   sing N N 326 
SER OXT HXT  sing N N 327 
THR N   CA   sing N N 328 
THR N   H    sing N N 329 
THR N   H2   sing N N 330 
THR CA  C    sing N N 331 
THR CA  CB   sing N N 332 
THR CA  HA   sing N N 333 
THR C   O    doub N N 334 
THR C   OXT  sing N N 335 
THR CB  OG1  sing N N 336 
THR CB  CG2  sing N N 337 
THR CB  HB   sing N N 338 
THR OG1 HG1  sing N N 339 
THR CG2 HG21 sing N N 340 
THR CG2 HG22 sing N N 341 
THR CG2 HG23 sing N N 342 
THR OXT HXT  sing N N 343 
TYR N   CA   sing N N 344 
TYR N   H    sing N N 345 
TYR N   H2   sing N N 346 
TYR CA  C    sing N N 347 
TYR CA  CB   sing N N 348 
TYR CA  HA   sing N N 349 
TYR C   O    doub N N 350 
TYR C   OXT  sing N N 351 
TYR CB  CG   sing N N 352 
TYR CB  HB2  sing N N 353 
TYR CB  HB3  sing N N 354 
TYR CG  CD1  doub Y N 355 
TYR CG  CD2  sing Y N 356 
TYR CD1 CE1  sing Y N 357 
TYR CD1 HD1  sing N N 358 
TYR CD2 CE2  doub Y N 359 
TYR CD2 HD2  sing N N 360 
TYR CE1 CZ   doub Y N 361 
TYR CE1 HE1  sing N N 362 
TYR CE2 CZ   sing Y N 363 
TYR CE2 HE2  sing N N 364 
TYR CZ  OH   sing N N 365 
TYR OH  HH   sing N N 366 
TYR OXT HXT  sing N N 367 
VAL N   CA   sing N N 368 
VAL N   H    sing N N 369 
VAL N   H2   sing N N 370 
VAL CA  C    sing N N 371 
VAL CA  CB   sing N N 372 
VAL CA  HA   sing N N 373 
VAL C   O    doub N N 374 
VAL C   OXT  sing N N 375 
VAL CB  CG1  sing N N 376 
VAL CB  CG2  sing N N 377 
VAL CB  HB   sing N N 378 
VAL CG1 HG11 sing N N 379 
VAL CG1 HG12 sing N N 380 
VAL CG1 HG13 sing N N 381 
VAL CG2 HG21 sing N N 382 
VAL CG2 HG22 sing N N 383 
VAL CG2 HG23 sing N N 384 
VAL OXT HXT  sing N N 385 
# 
_pdbx_initial_refinement_model.id               1 
_pdbx_initial_refinement_model.entity_id_list   ? 
_pdbx_initial_refinement_model.type             'experimental model' 
_pdbx_initial_refinement_model.source_name      PDB 
_pdbx_initial_refinement_model.accession_code   4INS 
_pdbx_initial_refinement_model.details          'PDB ENTRY 4INS' 
# 
_atom_sites.entry_id                    1H02 
_atom_sites.fract_transf_matrix[1][1]   0.00000438 
_atom_sites.fract_transf_matrix[1][2]   0.01791452 
_atom_sites.fract_transf_matrix[1][3]   0.02717549 
_atom_sites.fract_transf_matrix[2][1]   -0.00769754 
_atom_sites.fract_transf_matrix[2][2]   -0.01019382 
_atom_sites.fract_transf_matrix[2][3]   0.00672117 
_atom_sites.fract_transf_matrix[3][1]   0.01310939 
_atom_sites.fract_transf_matrix[3][2]   -0.00690103 
_atom_sites.fract_transf_matrix[3][3]   0.00454716 
_atom_sites.fract_transf_vector[1]      0.332765 
_atom_sites.fract_transf_vector[2]      0.124078 
_atom_sites.fract_transf_vector[3]      0.453618 
# 
loop_
_atom_type.symbol 
C 
N 
O 
S 
# 
loop_
_atom_site.group_PDB 
_atom_site.id 
_atom_site.type_symbol 
_atom_site.label_atom_id 
_atom_site.label_alt_id 
_atom_site.label_comp_id 
_atom_site.label_asym_id 
_atom_site.label_entity_id 
_atom_site.label_seq_id 
_atom_site.pdbx_PDB_ins_code 
_atom_site.Cartn_x 
_atom_site.Cartn_y 
_atom_site.Cartn_z 
_atom_site.occupancy 
_atom_site.B_iso_or_equiv 
_atom_site.pdbx_formal_charge 
_atom_site.auth_seq_id 
_atom_site.auth_comp_id 
_atom_site.auth_asym_id 
_atom_site.auth_atom_id 
_atom_site.pdbx_PDB_model_num 
ATOM   1   N N   . GLU A 1 3  ? -15.234 -8.787  -1.088  1.00   55.31 ? 3    GLU B N   1 
ATOM   2   C CA  . GLU A 1 3  ? -15.727 -7.402  -1.352  1.00   55.00 ? 3    GLU B CA  1 
ATOM   3   C C   . GLU A 1 3  ? -14.476 -6.549  -1.197  1.00   54.62 ? 3    GLU B C   1 
ATOM   4   O O   . GLU A 1 3  ? -13.682 -6.492  -2.136  1.00   55.49 ? 3    GLU B O   1 
ATOM   5   C CB  . GLU A 1 3  ? -16.838 -7.005  -0.376  1.00   55.03 ? 3    GLU B CB  1 
ATOM   6   N N   . THR A 1 4  ? -14.224 -5.972  -0.024  1.00   53.58 ? 4    THR B N   1 
ATOM   7   C CA  . THR A 1 4  ? -12.991 -5.195  0.180   1.00   52.35 ? 4    THR B CA  1 
ATOM   8   C C   . THR A 1 4  ? -11.998 -5.852  1.162   1.00   51.55 ? 4    THR B C   1 
ATOM   9   O O   . THR A 1 4  ? -12.263 -6.943  1.668   1.00   51.42 ? 4    THR B O   1 
ATOM   10  C CB  . THR A 1 4  ? -13.351 -3.817  0.732   1.00   52.52 ? 4    THR B CB  1 
ATOM   11  O OG1 . THR A 1 4  ? -13.713 -3.984  2.101   1.00   52.96 ? 4    THR B OG1 1 
ATOM   12  C CG2 . THR A 1 4  ? -14.671 -3.286  0.096   1.00   51.80 ? 4    THR B CG2 1 
ATOM   13  N N   . LEU A 1 5  ? -10.883 -5.160  1.418   1.00   50.06 ? 5    LEU B N   1 
ATOM   14  C CA  . LEU A 1 5  ? -9.863  -5.567  2.391   1.00   49.23 ? 5    LEU B CA  1 
ATOM   15  C C   . LEU A 1 5  ? -9.607  -4.466  3.420   1.00   48.25 ? 5    LEU B C   1 
ATOM   16  O O   . LEU A 1 5  ? -9.119  -3.387  3.101   1.00   47.25 ? 5    LEU B O   1 
ATOM   17  C CB  . LEU A 1 5  ? -8.533  -5.962  1.748   1.00   49.25 ? 5    LEU B CB  1 
ATOM   18  C CG  . LEU A 1 5  ? -8.437  -7.190  0.835   1.00   50.50 ? 5    LEU B CG  1 
ATOM   19  C CD1 . LEU A 1 5  ? -7.036  -7.280  0.121   1.00   51.82 ? 5    LEU B CD1 1 
ATOM   20  C CD2 . LEU A 1 5  ? -8.832  -8.483  1.583   1.00   52.51 ? 5    LEU B CD2 1 
ATOM   21  N N   . CYS A 1 6  ? -9.903  -4.787  4.664   1.00   47.69 ? 6    CYS B N   1 
ATOM   22  C CA  . CYS A 1 6  ? -9.747  -3.825  5.761   1.00   47.82 ? 6    CYS B CA  1 
ATOM   23  C C   . CYS A 1 6  ? -9.102  -4.465  6.956   1.00   47.72 ? 6    CYS B C   1 
ATOM   24  O O   . CYS A 1 6  ? -9.234  -5.683  7.179   1.00   47.57 ? 6    CYS B O   1 
ATOM   25  C CB  . CYS A 1 6  ? -11.145 -3.387  6.224   1.00   47.59 ? 6    CYS B CB  1 
ATOM   26  S SG  . CYS A 1 6  ? -12.118 -2.541  4.957   1.00   48.56 ? 6    CYS B SG  1 
ATOM   27  N N   . GLY A 1 7  ? -8.553  -3.611  7.809   1.00   47.87 ? 7    GLY B N   1 
ATOM   28  C CA  . GLY A 1 7  ? -8.060  -4.000  9.099   1.00   47.65 ? 7    GLY B CA  1 
ATOM   29  C C   . GLY A 1 7  ? -7.113  -5.142  8.991   1.00   47.77 ? 7    GLY B C   1 
ATOM   30  O O   . GLY A 1 7  ? -6.209  -5.121  8.156   1.00   47.94 ? 7    GLY B O   1 
ATOM   31  N N   . ALA A 1 8  ? -7.372  -6.181  9.767   1.00   47.49 ? 8    ALA B N   1 
ATOM   32  C CA  . ALA A 1 8  ? -6.447  -7.308  9.788   1.00   47.60 ? 8    ALA B CA  1 
ATOM   33  C C   . ALA A 1 8  ? -6.315  -8.003  8.434   1.00   47.48 ? 8    ALA B C   1 
ATOM   34  O O   . ALA A 1 8  ? -5.293  -8.570  8.179   1.00   47.14 ? 8    ALA B O   1 
ATOM   35  C CB  . ALA A 1 8  ? -6.863  -8.348  10.895  1.00   47.54 ? 8    ALA B CB  1 
ATOM   36  N N   . GLU A 1 9  ? -7.413  -8.069  7.659   1.00   47.68 ? 9    GLU B N   1 
ATOM   37  C CA  . GLU A 1 9  ? -7.436  -8.716  6.367   1.00   48.01 ? 9    GLU B CA  1 
ATOM   38  C C   . GLU A 1 9  ? -6.506  -7.973  5.454   1.00   47.68 ? 9    GLU B C   1 
ATOM   39  O O   . GLU A 1 9  ? -5.765  -8.605  4.715   1.00   47.76 ? 9    GLU B O   1 
ATOM   40  C CB  . GLU A 1 9  ? -8.801  -8.601  5.702   1.00   48.44 ? 9    GLU B CB  1 
ATOM   41  C CG  . GLU A 1 9  ? -9.951  -9.218  6.395   1.00   50.67 ? 9    GLU B CG  1 
ATOM   42  C CD  . GLU A 1 9  ? -11.218 -8.876  5.635   1.00   54.15 ? 9    GLU B CD  1 
ATOM   43  O OE1 . GLU A 1 9  ? -11.546 -7.622  5.408   1.00   54.08 ? 9    GLU B OE1 1 
ATOM   44  O OE2 . GLU A 1 9  ? -11.817 -9.870  5.209   1.00   53.18 ? 9    GLU B OE2 1 
ATOM   45  N N   . LEU A 1 10 ? -6.581  -6.642  5.480   1.00   47.25 ? 10   LEU B N   1 
ATOM   46  C CA  . LEU A 1 10 ? -5.689  -5.817  4.634   1.00   47.70 ? 10   LEU B CA  1 
ATOM   47  C C   . LEU A 1 10 ? -4.172  -6.061  4.957   1.00   47.21 ? 10   LEU B C   1 
ATOM   48  O O   . LEU A 1 10 ? -3.355  -6.254  4.028   1.00   46.83 ? 10   LEU B O   1 
ATOM   49  C CB  . LEU A 1 10 ? -6.080  -4.334  4.641   1.00   47.41 ? 10   LEU B CB  1 
ATOM   50  C CG  . LEU A 1 10 ? -5.255  -3.355  3.767   1.00   48.27 ? 10   LEU B CG  1 
ATOM   51  C CD1 . LEU A 1 10 ? -5.142  -3.774  2.247   1.00   49.03 ? 10   LEU B CD1 1 
ATOM   52  C CD2 . LEU A 1 10 ? -5.790  -1.894  3.914   1.00   48.78 ? 10   LEU B CD2 1 
ATOM   53  N N   . VAL A 1 11 ? -3.825  -6.059  6.249   1.00   46.35 ? 11   VAL B N   1 
ATOM   54  C CA  . VAL A 1 11 ? -2.438  -6.365  6.691   1.00   46.41 ? 11   VAL B CA  1 
ATOM   55  C C   . VAL A 1 11 ? -2.058  -7.793  6.292   1.00   46.44 ? 11   VAL B C   1 
ATOM   56  O O   . VAL A 1 11 ? -0.988  -8.029  5.818   1.00   46.08 ? 11   VAL B O   1 
ATOM   57  C CB  . VAL A 1 11 ? -2.241  -6.246  8.235   1.00   46.09 ? 11   VAL B CB  1 
ATOM   58  C CG1 . VAL A 1 11 ? -0.770  -6.641  8.685   1.00   45.66 ? 11   VAL B CG1 1 
ATOM   59  C CG2 . VAL A 1 11 ? -2.679  -4.880  8.744   1.00   45.81 ? 11   VAL B CG2 1 
ATOM   60  N N   . ASP A 1 12 ? -2.925  -8.770  6.549   1.00   46.66 ? 12   ASP B N   1 
ATOM   61  C CA  . ASP A 1 12 ? -2.550  -10.120 6.124   1.00   47.01 ? 12   ASP B CA  1 
ATOM   62  C C   . ASP A 1 12 ? -2.238  -10.118 4.608   1.00   46.84 ? 12   ASP B C   1 
ATOM   63  O O   . ASP A 1 12 ? -1.248  -10.716 4.163   1.00   45.77 ? 12   ASP B O   1 
ATOM   64  C CB  . ASP A 1 12 ? -3.679  -11.050 6.447   1.00   47.66 ? 12   ASP B CB  1 
ATOM   65  C CG  . ASP A 1 12 ? -3.298  -12.075 7.439   1.00   48.24 ? 12   ASP B CG  1 
ATOM   66  O OD1 . ASP A 1 12 ? -2.105  -12.357 7.629   1.00   51.13 ? 12   ASP B OD1 1 
ATOM   67  O OD2 . ASP A 1 12 ? -4.123  -12.655 8.089   1.00   49.74 ? 12   ASP B OD2 1 
ATOM   68  N N   . ALA A 1 13 ? -3.080  -9.423  3.827   1.00   46.36 ? 13   ALA B N   1 
ATOM   69  C CA  . ALA A 1 13 ? -2.876  -9.392  2.352   1.00   47.30 ? 13   ALA B CA  1 
ATOM   70  C C   . ALA A 1 13 ? -1.563  -8.744  1.987   1.00   46.90 ? 13   ALA B C   1 
ATOM   71  O O   . ALA A 1 13 ? -0.806  -9.232  1.115   1.00   46.79 ? 13   ALA B O   1 
ATOM   72  C CB  . ALA A 1 13 ? -4.092  -8.653  1.603   1.00   46.72 ? 13   ALA B CB  1 
ATOM   73  N N   . LEU A 1 14 ? -1.263  -7.634  2.667   1.00   46.74 ? 14   LEU B N   1 
ATOM   74  C CA  . LEU A 1 14 ? -0.011  -6.898  2.412   1.00   47.36 ? 14   LEU B CA  1 
ATOM   75  C C   . LEU A 1 14 ? 1.196   -7.759  2.834   1.00   47.07 ? 14   LEU B C   1 
ATOM   76  O O   . LEU A 1 14 ? 2.171   -7.789  2.152   1.00   46.96 ? 14   LEU B O   1 
ATOM   77  C CB  . LEU A 1 14 ? 0.048   -5.587  3.251   1.00   47.21 ? 14   LEU B CB  1 
ATOM   78  C CG  . LEU A 1 14 ? -0.792  -4.464  2.633   1.00   49.56 ? 14   LEU B CG  1 
ATOM   79  C CD1 . LEU A 1 14 ? -1.001  -3.254  3.593   1.00   51.20 ? 14   LEU B CD1 1 
ATOM   80  C CD2 . LEU A 1 14 ? -0.020  -4.009  1.331   1.00   48.56 ? 14   LEU B CD2 1 
ATOM   81  N N   . GLN A 1 15 ? 1.059   -8.487  3.935   1.00   47.07 ? 15   GLN B N   1 
ATOM   82  C CA  . GLN A 1 15 ? 2.162   -9.336  4.451   1.00   47.53 ? 15   GLN B CA  1 
ATOM   83  C C   . GLN A 1 15 ? 2.425   -10.468 3.423   1.00   47.00 ? 15   GLN B C   1 
ATOM   84  O O   . GLN A 1 15 ? 3.560   -10.841 3.108   1.00   46.57 ? 15   GLN B O   1 
ATOM   85  C CB  . GLN A 1 15 ? 1.772   -9.941  5.817   1.00   47.43 ? 15   GLN B CB  1 
ATOM   86  C CG  . GLN A 1 15 ? 1.959   -8.964  7.038   1.00   49.69 ? 15   GLN B CG  1 
ATOM   87  C CD  . GLN A 1 15 ? 1.833   -9.687  8.391   1.00   51.28 ? 15   GLN B CD  1 
ATOM   88  O OE1 . GLN A 1 15 ? 2.455   -9.274  9.379   1.00   52.96 ? 15   GLN B OE1 1 
ATOM   89  N NE2 . GLN A 1 15 ? 1.037   -10.766 8.435   1.00   50.99 ? 15   GLN B NE2 1 
ATOM   90  N N   . PHE A 1 16 ? 1.345   -10.974 2.862   1.00   46.55 ? 16   PHE B N   1 
ATOM   91  C CA  . PHE A 1 16 ? 1.483   -12.118 1.942   1.00   46.27 ? 16   PHE B CA  1 
ATOM   92  C C   . PHE A 1 16 ? 2.090   -11.696 0.585   1.00   46.17 ? 16   PHE B C   1 
ATOM   93  O O   . PHE A 1 16 ? 2.966   -12.352 0.061   1.00   45.71 ? 16   PHE B O   1 
ATOM   94  C CB  . PHE A 1 16 ? 0.135   -12.802 1.746   1.00   46.01 ? 16   PHE B CB  1 
ATOM   95  C CG  . PHE A 1 16 ? 0.210   -14.095 0.949   1.00   45.74 ? 16   PHE B CG  1 
ATOM   96  C CD1 . PHE A 1 16 ? 0.185   -15.341 1.628   1.00   44.82 ? 16   PHE B CD1 1 
ATOM   97  C CD2 . PHE A 1 16 ? 0.330   -14.077 -0.451  1.00   43.99 ? 16   PHE B CD2 1 
ATOM   98  C CE1 . PHE A 1 16 ? 0.280   -16.548 0.936   1.00   42.57 ? 16   PHE B CE1 1 
ATOM   99  C CE2 . PHE A 1 16 ? 0.412   -15.310 -1.158  1.00   43.56 ? 16   PHE B CE2 1 
ATOM   100 C CZ  . PHE A 1 16 ? 0.379   -16.547 -0.419  1.00   43.93 ? 16   PHE B CZ  1 
ATOM   101 N N   . VAL A 1 17 ? 1.594   -10.598 0.036   1.00   46.06 ? 17   VAL B N   1 
ATOM   102 C CA  . VAL A 1 17 ? 2.004   -10.121 -1.261  1.00   46.51 ? 17   VAL B CA  1 
ATOM   103 C C   . VAL A 1 17 ? 3.420   -9.523  -1.267  1.00   46.91 ? 17   VAL B C   1 
ATOM   104 O O   . VAL A 1 17 ? 4.232   -9.801  -2.206  1.00   46.23 ? 17   VAL B O   1 
ATOM   105 C CB  . VAL A 1 17 ? 0.969   -9.077  -1.802  1.00   47.08 ? 17   VAL B CB  1 
ATOM   106 C CG1 . VAL A 1 17 ? 1.551   -8.254  -3.101  1.00   47.03 ? 17   VAL B CG1 1 
ATOM   107 C CG2 . VAL A 1 17 ? -0.400  -9.792  -2.054  1.00   46.55 ? 17   VAL B CG2 1 
ATOM   108 N N   . CYS A 1 18 ? 3.713   -8.739  -0.215  1.00   47.49 ? 18   CYS B N   1 
ATOM   109 C CA  . CYS A 1 18 ? 4.980   -8.021  -0.043  1.00   47.94 ? 18   CYS B CA  1 
ATOM   110 C C   . CYS A 1 18 ? 6.129   -8.883  0.517   1.00   48.66 ? 18   CYS B C   1 
ATOM   111 O O   . CYS A 1 18 ? 7.304   -8.632  0.192   1.00   48.52 ? 18   CYS B O   1 
ATOM   112 C CB  . CYS A 1 18 ? 4.744   -6.774  0.845   1.00   47.91 ? 18   CYS B CB  1 
ATOM   113 S SG  . CYS A 1 18 ? 3.561   -5.616  0.049   1.00   46.67 ? 18   CYS B SG  1 
ATOM   114 N N   . GLY A 1 19 ? 5.776   -9.864  1.365   1.00   49.20 ? 19   GLY B N   1 
ATOM   115 C CA  . GLY A 1 19 ? 6.728   -10.798 1.942   1.00   50.06 ? 19   GLY B CA  1 
ATOM   116 C C   . GLY A 1 19 ? 7.830   -10.140 2.764   1.00   50.74 ? 19   GLY B C   1 
ATOM   117 O O   . GLY A 1 19 ? 7.561   -9.322  3.656   1.00   51.54 ? 19   GLY B O   1 
ATOM   118 N N   . ASP A 1 20 ? 9.067   -10.464 2.436   1.00   50.54 ? 20   ASP B N   1 
ATOM   119 C CA  . ASP A 1 20 ? 10.224  -9.938  3.141   1.00   51.25 ? 20   ASP B CA  1 
ATOM   120 C C   . ASP A 1 20 ? 10.415  -8.435  2.917   1.00   51.03 ? 20   ASP B C   1 
ATOM   121 O O   . ASP A 1 20 ? 11.096  -7.779  3.685   1.00   50.88 ? 20   ASP B O   1 
ATOM   122 C CB  . ASP A 1 20 ? 11.517  -10.669 2.686   1.00   51.21 ? 20   ASP B CB  1 
ATOM   123 C CG  . ASP A 1 20 ? 11.774  -11.943 3.451   1.00   52.11 ? 20   ASP B CG  1 
ATOM   124 O OD1 . ASP A 1 20 ? 10.846  -12.448 4.125   1.00   53.15 ? 20   ASP B OD1 1 
ATOM   125 O OD2 . ASP A 1 20 ? 12.884  -12.543 3.439   1.00   54.54 ? 20   ASP B OD2 1 
ATOM   126 N N   . ARG A 1 21 ? 9.832   -7.922  1.843   1.00   50.91 ? 21   ARG B N   1 
ATOM   127 C CA  . ARG A 1 21 ? 9.962   -6.512  1.478   1.00   50.72 ? 21   ARG B CA  1 
ATOM   128 C C   . ARG A 1 21 ? 9.323   -5.526  2.470   1.00   50.38 ? 21   ARG B C   1 
ATOM   129 O O   . ARG A 1 21 ? 9.819   -4.407  2.642   1.00   50.20 ? 21   ARG B O   1 
ATOM   130 C CB  . ARG A 1 21 ? 9.306   -6.249  0.135   1.00   50.79 ? 21   ARG B CB  1 
ATOM   131 C CG  . ARG A 1 21 ? 10.071  -6.628  -1.066  1.00   51.55 ? 21   ARG B CG  1 
ATOM   132 C CD  . ARG A 1 21 ? 9.779   -5.623  -2.199  1.00   54.54 ? 21   ARG B CD  1 
ATOM   133 N NE  . ARG A 1 21 ? 8.567   -5.976  -2.936  1.00   56.37 ? 21   ARG B NE  1 
ATOM   134 C CZ  . ARG A 1 21 ? 8.054   -5.227  -3.888  1.00   55.91 ? 21   ARG B CZ  1 
ATOM   135 N NH1 . ARG A 1 21 ? 8.596   -4.060  -4.168  1.00   54.85 ? 21   ARG B NH1 1 
ATOM   136 N NH2 . ARG A 1 21 ? 6.962   -5.633  -4.523  1.00   57.04 ? 21   ARG B NH2 1 
ATOM   137 N N   . GLY A 1 22 ? 8.257   -5.940  3.133   1.00   49.60 ? 22   GLY B N   1 
ATOM   138 C CA  . GLY A 1 22 ? 7.556   -5.059  4.045   1.00   49.49 ? 22   GLY B CA  1 
ATOM   139 C C   . GLY A 1 22 ? 6.620   -4.179  3.232   1.00   49.17 ? 22   GLY B C   1 
ATOM   140 O O   . GLY A 1 22 ? 6.610   -4.268  1.996   1.00   49.45 ? 22   GLY B O   1 
ATOM   141 N N   . PHE A 1 23 ? 5.927   -3.268  3.899   1.00   48.53 ? 23   PHE B N   1 
ATOM   142 C CA  . PHE A 1 23 ? 4.913   -2.463  3.238   1.00   48.56 ? 23   PHE B CA  1 
ATOM   143 C C   . PHE A 1 23 ? 4.678   -1.202  4.024   1.00   48.33 ? 23   PHE B C   1 
ATOM   144 O O   . PHE A 1 23 ? 5.064   -1.104  5.208   1.00   47.68 ? 23   PHE B O   1 
ATOM   145 C CB  . PHE A 1 23 ? 3.599   -3.206  3.201   1.00   48.36 ? 23   PHE B CB  1 
ATOM   146 C CG  . PHE A 1 23 ? 3.225   -3.816  4.563   1.00   50.73 ? 23   PHE B CG  1 
ATOM   147 C CD1 . PHE A 1 23 ? 3.651   -5.092  4.903   1.00   51.57 ? 23   PHE B CD1 1 
ATOM   148 C CD2 . PHE A 1 23 ? 2.528   -3.077  5.501   1.00   52.51 ? 23   PHE B CD2 1 
ATOM   149 C CE1 . PHE A 1 23 ? 3.297   -5.668  6.172   1.00   53.47 ? 23   PHE B CE1 1 
ATOM   150 C CE2 . PHE A 1 23 ? 2.185   -3.618  6.778   1.00   54.35 ? 23   PHE B CE2 1 
ATOM   151 C CZ  . PHE A 1 23 ? 2.602   -4.935  7.113   1.00   53.84 ? 23   PHE B CZ  1 
ATOM   152 N N   . TYR A 1 24 ? 4.012   -0.267  3.347   1.00   47.48 ? 24   TYR B N   1 
ATOM   153 C CA  . TYR A 1 24 ? 3.637   1.001   3.900   1.00   48.22 ? 24   TYR B CA  1 
ATOM   154 C C   . TYR A 1 24 ? 2.158   1.351   3.499   1.00   48.27 ? 24   TYR B C   1 
ATOM   155 O O   . TYR A 1 24 ? 1.597   0.682   2.644   1.00   47.56 ? 24   TYR B O   1 
ATOM   156 C CB  . TYR A 1 24 ? 4.658   2.047   3.471   1.00   48.38 ? 24   TYR B CB  1 
ATOM   157 C CG  . TYR A 1 24 ? 4.815   2.231   1.985   1.00   49.34 ? 24   TYR B CG  1 
ATOM   158 C CD1 . TYR A 1 24 ? 3.940   3.033   1.275   1.00   52.04 ? 24   TYR B CD1 1 
ATOM   159 C CD2 . TYR A 1 24 ? 5.899   1.703   1.299   1.00   51.15 ? 24   TYR B CD2 1 
ATOM   160 C CE1 . TYR A 1 24 ? 4.092   3.216   -0.105  1.00   49.53 ? 24   TYR B CE1 1 
ATOM   161 C CE2 . TYR A 1 24 ? 6.051   1.886   -0.063  1.00   49.47 ? 24   TYR B CE2 1 
ATOM   162 C CZ  . TYR A 1 24 ? 5.132   2.629   -0.762  1.00   49.83 ? 24   TYR B CZ  1 
ATOM   163 O OH  . TYR A 1 24 ? 5.331   2.906   -2.139  1.00   50.63 ? 24   TYR B OH  1 
ATOM   164 N N   . PHE A 1 25 ? 1.565   2.354   4.141   1.00   48.36 ? 25   PHE B N   1 
ATOM   165 C CA  . PHE A 1 25 ? 0.139   2.664   3.999   1.00   48.82 ? 25   PHE B CA  1 
ATOM   166 C C   . PHE A 1 25 ? -0.218  3.942   3.270   1.00   49.26 ? 25   PHE B C   1 
ATOM   167 O O   . PHE A 1 25 ? -1.320  4.054   2.715   1.00   49.09 ? 25   PHE B O   1 
ATOM   168 C CB  . PHE A 1 25 ? -0.565  2.633   5.405   1.00   49.07 ? 25   PHE B CB  1 
ATOM   169 C CG  . PHE A 1 25 ? -0.472  1.299   6.076   1.00   49.98 ? 25   PHE B CG  1 
ATOM   170 C CD1 . PHE A 1 25 ? 0.660   0.928   6.792   1.00   50.80 ? 25   PHE B CD1 1 
ATOM   171 C CD2 . PHE A 1 25 ? -1.485  0.371   5.920   1.00   49.33 ? 25   PHE B CD2 1 
ATOM   172 C CE1 . PHE A 1 25 ? 0.737   -0.357  7.378   1.00   49.71 ? 25   PHE B CE1 1 
ATOM   173 C CE2 . PHE A 1 25 ? -1.394  -0.902  6.465   1.00   49.59 ? 25   PHE B CE2 1 
ATOM   174 C CZ  . PHE A 1 25 ? -0.282  -1.250  7.187   1.00   50.31 ? 25   PHE B CZ  1 
ATOM   175 N N   . ASN A 1 26 ? 0.705   4.911   3.254   1.00   49.33 ? 26   ASN B N   1 
ATOM   176 C CA  . ASN A 1 26 ? 0.433   6.192   2.655   1.00   49.72 ? 26   ASN B CA  1 
ATOM   177 C C   . ASN A 1 26 ? 1.129   6.217   1.322   1.00   49.77 ? 26   ASN B C   1 
ATOM   178 O O   . ASN A 1 26 ? 2.276   5.826   1.233   1.00   48.45 ? 26   ASN B O   1 
ATOM   179 C CB  . ASN A 1 26 ? 0.969   7.304   3.541   1.00   50.33 ? 26   ASN B CB  1 
ATOM   180 C CG  . ASN A 1 26 ? -0.003  7.641   4.666   1.00   50.86 ? 26   ASN B CG  1 
ATOM   181 O OD1 . ASN A 1 26 ? -1.160  7.246   4.608   1.00   51.69 ? 26   ASN B OD1 1 
ATOM   182 N ND2 . ASN A 1 26 ? 0.462   8.343   5.678   1.00   51.27 ? 26   ASN B ND2 1 
ATOM   183 N N   . LYS A 1 27 ? 0.425   6.637   0.285   1.00   49.99 ? 27   LYS B N   1 
ATOM   184 C CA  . LYS A 1 27 ? 1.066   6.597   -0.991  1.00   50.52 ? 27   LYS B CA  1 
ATOM   185 C C   . LYS A 1 27 ? 1.977   7.803   -0.985  1.00   49.90 ? 27   LYS B C   1 
ATOM   186 O O   . LYS A 1 27 ? 1.661   8.816   -0.426  1.00   50.07 ? 27   LYS B O   1 
ATOM   187 C CB  . LYS A 1 27 ? 0.084   6.612   -2.157  1.00   51.23 ? 27   LYS B CB  1 
ATOM   188 C CG  . LYS A 1 27 ? 0.690   5.949   -3.440  1.00   52.22 ? 27   LYS B CG  1 
ATOM   189 C CD  . LYS A 1 27 ? 0.855   4.415   -3.224  1.00   53.82 ? 27   LYS B CD  1 
ATOM   190 C CE  . LYS A 1 27 ? 1.237   3.685   -4.504  1.00   56.02 ? 27   LYS B CE  1 
ATOM   191 N NZ  . LYS A 1 27 ? 0.134   3.653   -5.508  1.00   55.32 ? 27   LYS B NZ  1 
ATOM   192 N N   . PRO A 1 28 ? 3.137   7.656   -1.591  1.00   49.80 ? 28   PRO B N   1 
ATOM   193 C CA  . PRO A 1 28 ? 4.136   8.721   -1.647  1.00   49.11 ? 28   PRO B CA  1 
ATOM   194 C C   . PRO A 1 28 ? 3.575   9.942   -2.400  1.00   48.99 ? 28   PRO B C   1 
ATOM   195 O O   . PRO A 1 28 ? 2.717   9.745   -3.267  1.00   48.90 ? 28   PRO B O   1 
ATOM   196 C CB  . PRO A 1 28 ? 5.287   8.098   -2.443  1.00   49.35 ? 28   PRO B CB  1 
ATOM   197 C CG  . PRO A 1 28 ? 5.041   6.652   -2.465  1.00   49.44 ? 28   PRO B CG  1 
ATOM   198 C CD  . PRO A 1 28 ? 3.577   6.409   -2.228  1.00   49.70 ? 28   PRO B CD  1 
ATOM   199 N N   . THR A 1 29 ? 4.028   11.151  -2.072  1.00   47.95 ? 29   THR B N   1 
ATOM   200 C CA  . THR A 1 29 ? 3.498   12.340  -2.718  1.00   47.80 ? 29   THR B CA  1 
ATOM   201 C C   . THR A 1 29 ? 4.537   13.168  -3.454  1.00   47.98 ? 29   THR B C   1 
ATOM   202 O O   . THR A 1 29 ? 4.223   13.921  -4.400  1.00   47.93 ? 29   THR B O   1 
ATOM   203 C CB  . THR A 1 29 ? 2.803   13.235  -1.688  1.00   47.64 ? 29   THR B CB  1 
ATOM   204 O OG1 . THR A 1 29 ? 3.744   13.604  -0.672  1.00   46.79 ? 29   THR B OG1 1 
ATOM   205 C CG2 . THR A 1 29 ? 1.697   12.457  -0.938  1.00   47.02 ? 29   THR B CG2 1 
ATOM   206 N N   . GLY A 1 30 ? 5.778   13.113  -3.025  1.00   48.06 ? 30   GLY B N   1 
ATOM   207 C CA  . GLY A 1 30 ? 6.718   13.972  -3.747  1.00   48.87 ? 30   GLY B CA  1 
ATOM   208 C C   . GLY A 1 30 ? 6.739   15.437  -3.375  1.00   49.08 ? 30   GLY B C   1 
ATOM   209 O O   . GLY A 1 30 ? 5.718   16.066  -3.109  1.00   49.34 ? 30   GLY B O   1 
ATOM   210 N N   . TYR A 1 31 ? 7.929   16.004  -3.463  1.00   49.32 ? 31   TYR B N   1 
ATOM   211 C CA  . TYR A 1 31 ? 8.237   17.277  -2.832  1.00   49.39 ? 31   TYR B CA  1 
ATOM   212 C C   . TYR A 1 31 ? 7.572   18.597  -3.294  1.00   49.63 ? 31   TYR B C   1 
ATOM   213 O O   . TYR A 1 31 ? 7.410   18.870  -4.492  1.00   49.39 ? 31   TYR B O   1 
ATOM   214 C CB  . TYR A 1 31 ? 9.764   17.389  -2.744  1.00   49.32 ? 31   TYR B CB  1 
ATOM   215 C CG  . TYR A 1 31 ? 10.261  18.632  -2.066  1.00   49.75 ? 31   TYR B CG  1 
ATOM   216 C CD1 . TYR A 1 31 ? 10.058  19.865  -2.633  1.00   48.97 ? 31   TYR B CD1 1 
ATOM   217 C CD2 . TYR A 1 31 ? 10.921  18.568  -0.851  1.00   50.20 ? 31   TYR B CD2 1 
ATOM   218 C CE1 . TYR A 1 31 ? 10.493  21.000  -2.028  1.00   49.76 ? 31   TYR B CE1 1 
ATOM   219 C CE2 . TYR A 1 31 ? 11.372  19.719  -0.232  1.00   48.98 ? 31   TYR B CE2 1 
ATOM   220 C CZ  . TYR A 1 31 ? 11.144  20.926  -0.822  1.00   49.71 ? 31   TYR B CZ  1 
ATOM   221 O OH  . TYR A 1 31 ? 11.598  22.088  -0.236  1.00   48.91 ? 31   TYR B OH  1 
ATOM   222 N N   . GLY A 1 32 ? 7.202   19.408  -2.301  1.00   49.98 ? 32   GLY B N   1 
ATOM   223 C CA  . GLY A 1 32 ? 6.661   20.738  -2.536  1.00   50.57 ? 32   GLY B CA  1 
ATOM   224 C C   . GLY A 1 32 ? 5.374   20.635  -3.301  1.00   51.00 ? 32   GLY B C   1 
ATOM   225 O O   . GLY A 1 32 ? 5.109   21.397  -4.238  1.00   50.74 ? 32   GLY B O   1 
ATOM   226 N N   . SER A 1 33 ? 4.594   19.637  -2.900  1.00   51.59 ? 33   SER B N   1 
ATOM   227 C CA  . SER A 1 33 ? 3.321   19.354  -3.512  1.00   52.32 ? 33   SER B CA  1 
ATOM   228 C C   . SER A 1 33 ? 2.196   19.854  -2.636  1.00   52.84 ? 33   SER B C   1 
ATOM   229 O O   . SER A 1 33 ? 2.310   20.879  -1.942  1.00   53.09 ? 33   SER B O   1 
ATOM   230 C CB  . SER A 1 33 ? 3.493   17.469  -3.412  0.0000 68.90 ? 33   SER B CB  1 
ATOM   231 O OG  . SER A 1 33 ? 2.169   17.040  -3.730  0.0000 68.90 ? 33   SER B OG  1 
ATOM   232 N N   . SER A 1 34 ? 1.104   19.117  -2.668  1.00   53.33 ? 34   SER B N   1 
ATOM   233 C CA  . SER A 1 34 ? -0.108  19.536  -1.999  1.00   53.92 ? 34   SER B CA  1 
ATOM   234 C C   . SER A 1 34 ? -0.108  19.273  -0.521  1.00   54.24 ? 34   SER B C   1 
ATOM   235 O O   . SER A 1 34 ? -0.335  20.178  0.304   1.00   54.84 ? 34   SER B O   1 
ATOM   236 C CB  . SER A 1 34 ? -1.261  18.750  -2.593  1.00   53.68 ? 34   SER B CB  1 
ATOM   237 O OG  . SER A 1 34 ? -0.753  17.571  -3.158  1.00   53.57 ? 34   SER B OG  1 
ATOM   238 N N   . SER A 1 35 ? 0.253   18.042  -0.232  1.00   54.60 ? 35   SER B N   1 
ATOM   239 C CA  . SER A 1 35 ? -0.019  17.375  1.016   1.00   54.73 ? 35   SER B CA  1 
ATOM   240 C C   . SER A 1 35 ? 1.094   17.433  2.056   1.00   54.79 ? 35   SER B C   1 
ATOM   241 O O   . SER A 1 35 ? 1.563   16.411  2.538   1.00   54.56 ? 35   SER B O   1 
ATOM   242 C CB  . SER A 1 35 ? -0.354  15.948  0.620   1.00   54.90 ? 35   SER B CB  1 
ATOM   243 O OG  . SER A 1 35 ? -0.651  15.923  -0.777  1.00   54.74 ? 35   SER B OG  1 
ATOM   244 N N   . ALA A 1 38 ? -7.618  16.395  -1.181  1.00   58.92 ? 38   ALA B N   1 
ATOM   245 C CA  . ALA A 1 38 ? -7.827  15.213  -0.355  1.00   58.99 ? 38   ALA B CA  1 
ATOM   246 C C   . ALA A 1 38 ? -6.552  14.774  0.369   1.00   58.94 ? 38   ALA B C   1 
ATOM   247 O O   . ALA A 1 38 ? -5.868  13.881  -0.100  1.00   58.86 ? 38   ALA B O   1 
ATOM   248 C CB  . ALA A 1 38 ? -8.372  14.052  -1.201  1.00   59.01 ? 38   ALA B CB  1 
ATOM   249 N N   . PRO A 1 39 ? -6.301  15.379  1.534   1.00   58.84 ? 39   PRO B N   1 
ATOM   250 C CA  . PRO A 1 39 ? -5.117  15.165  2.390   1.00   58.67 ? 39   PRO B CA  1 
ATOM   251 C C   . PRO A 1 39 ? -4.310  13.866  2.229   1.00   58.30 ? 39   PRO B C   1 
ATOM   252 O O   . PRO A 1 39 ? -4.063  13.466  1.092   1.00   58.64 ? 39   PRO B O   1 
ATOM   253 C CB  . PRO A 1 39 ? -5.714  15.252  3.791   1.00   58.58 ? 39   PRO B CB  1 
ATOM   254 C CG  . PRO A 1 39 ? -6.812  16.281  3.614   1.00   58.87 ? 39   PRO B CG  1 
ATOM   255 C CD  . PRO A 1 39 ? -7.251  16.302  2.168   1.00   58.82 ? 39   PRO B CD  1 
ATOM   256 N N   . GLN A 1 40 ? -3.852  13.243  3.324   1.00   57.81 ? 40   GLN B N   1 
ATOM   257 C CA  . GLN A 1 40 ? -2.994  12.058  3.160   1.00   57.44 ? 40   GLN B CA  1 
ATOM   258 C C   . GLN A 1 40 ? -3.866  10.850  2.924   1.00   56.82 ? 40   GLN B C   1 
ATOM   259 O O   . GLN A 1 40 ? -4.689  10.465  3.740   1.00   57.20 ? 40   GLN B O   1 
ATOM   260 C CB  . GLN A 1 40 ? -1.990  11.840  4.310   1.00   57.60 ? 40   GLN B CB  1 
ATOM   261 C CG  . GLN A 1 40 ? -0.774  10.937  3.964   1.00   58.27 ? 40   GLN B CG  1 
ATOM   262 C CD  . GLN A 1 40 ? 0.245   11.578  2.991   1.00   59.52 ? 40   GLN B CD  1 
ATOM   263 O OE1 . GLN A 1 40 ? 0.253   12.795  2.796   1.00   60.53 ? 40   GLN B OE1 1 
ATOM   264 N NE2 . GLN A 1 40 ? 1.095   10.744  2.378   1.00   60.80 ? 40   GLN B NE2 1 
ATOM   265 N N   . THR A 1 41 ? -3.654  10.248  1.780   1.00   56.23 ? 41   THR B N   1 
ATOM   266 C CA  . THR A 1 41 ? -4.536  9.232   1.279   1.00   55.47 ? 41   THR B CA  1 
ATOM   267 C C   . THR A 1 41 ? -3.664  8.056   0.860   1.00   54.59 ? 41   THR B C   1 
ATOM   268 O O   . THR A 1 41 ? -2.489  8.230   0.504   1.00   54.34 ? 41   THR B O   1 
ATOM   269 C CB  . THR A 1 41 ? -5.254  9.883   0.096   1.00   55.82 ? 41   THR B CB  1 
ATOM   270 O OG1 . THR A 1 41 ? -6.660  9.596   0.138   1.00   57.03 ? 41   THR B OG1 1 
ATOM   271 C CG2 . THR A 1 41 ? -4.714  9.361   -1.217  1.00   55.71 ? 41   THR B CG2 1 
ATOM   272 N N   . GLY A 1 42 ? -4.211  6.847   0.912   1.00   53.31 ? 42   GLY B N   1 
ATOM   273 C CA  . GLY A 1 42 ? -3.392  5.699   0.618   1.00   51.71 ? 42   GLY B CA  1 
ATOM   274 C C   . GLY A 1 42 ? -4.189  4.429   0.431   1.00   51.19 ? 42   GLY B C   1 
ATOM   275 O O   . GLY A 1 42 ? -5.272  4.456   -0.185  1.00   50.65 ? 42   GLY B O   1 
ATOM   276 N N   . ILE A 1 43 ? -3.669  3.326   0.969   1.00   49.87 ? 43   ILE B N   1 
ATOM   277 C CA  . ILE A 1 43 ? -4.189  2.017   0.618   1.00   49.77 ? 43   ILE B CA  1 
ATOM   278 C C   . ILE A 1 43 ? -5.571  1.767   1.234   1.00   49.10 ? 43   ILE B C   1 
ATOM   279 O O   . ILE A 1 43 ? -6.367  1.056   0.665   1.00   48.78 ? 43   ILE B O   1 
ATOM   280 C CB  . ILE A 1 43 ? -3.146  0.874   0.963   1.00   49.53 ? 43   ILE B CB  1 
ATOM   281 C CG1 . ILE A 1 43 ? -3.622  -0.488  0.441   1.00   50.64 ? 43   ILE B CG1 1 
ATOM   282 C CG2 . ILE A 1 43 ? -2.845  0.902   2.420   1.00   50.56 ? 43   ILE B CG2 1 
ATOM   283 C CD1 . ILE A 1 43 ? -2.541  -1.607  0.317   1.00   51.83 ? 43   ILE B CD1 1 
ATOM   284 N N   . VAL A 1 44 ? -5.837  2.348   2.387   1.00   48.43 ? 44   VAL B N   1 
ATOM   285 C CA  . VAL A 1 44 ? -7.153  2.249   3.027   1.00   48.04 ? 44   VAL B CA  1 
ATOM   286 C C   . VAL A 1 44 ? -8.233  2.830   2.096   1.00   47.80 ? 44   VAL B C   1 
ATOM   287 O O   . VAL A 1 44 ? -9.296  2.229   1.872   1.00   47.61 ? 44   VAL B O   1 
ATOM   288 C CB  . VAL A 1 44 ? -7.188  2.991   4.400   1.00   48.17 ? 44   VAL B CB  1 
ATOM   289 C CG1 . VAL A 1 44 ? -8.633  3.135   4.888   1.00   47.63 ? 44   VAL B CG1 1 
ATOM   290 C CG2 . VAL A 1 44 ? -6.345  2.236   5.416   1.00   47.64 ? 44   VAL B CG2 1 
ATOM   291 N N   . ASP A 1 45 ? -7.925  3.988   1.546   1.00   47.08 ? 45   ASP B N   1 
ATOM   292 C CA  . ASP A 1 45 ? -8.769  4.652   0.575   1.00   47.47 ? 45   ASP B CA  1 
ATOM   293 C C   . ASP A 1 45 ? -9.002  3.780   -0.673  1.00   47.34 ? 45   ASP B C   1 
ATOM   294 O O   . ASP A 1 45 ? -10.120 3.647   -1.139  1.00   46.58 ? 45   ASP B O   1 
ATOM   295 C CB  . ASP A 1 45 ? -8.063  5.938   0.199   1.00   47.16 ? 45   ASP B CB  1 
ATOM   296 C CG  . ASP A 1 45 ? -7.603  6.690   1.446   1.00   48.27 ? 45   ASP B CG  1 
ATOM   297 O OD1 . ASP A 1 45 ? -6.574  6.308   2.099   1.00   49.22 ? 45   ASP B OD1 1 
ATOM   298 O OD2 . ASP A 1 45 ? -8.281  7.606   1.886   1.00   47.04 ? 45   ASP B OD2 1 
ATOM   299 N N   . GLU A 1 46 ? -7.929  3.188   -1.174  1.00   47.72 ? 46   GLU B N   1 
ATOM   300 C CA  . GLU A 1 46 ? -7.959  2.366   -2.412  1.00   48.73 ? 46   GLU B CA  1 
ATOM   301 C C   . GLU A 1 46 ? -8.471  0.915   -2.304  1.00   48.49 ? 46   GLU B C   1 
ATOM   302 O O   . GLU A 1 46 ? -9.110  0.422   -3.233  1.00   48.66 ? 46   GLU B O   1 
ATOM   303 C CB  . GLU A 1 46 ? -6.601  2.442   -3.124  1.00   48.87 ? 46   GLU B CB  1 
ATOM   304 C CG  . GLU A 1 46 ? -6.317  3.897   -3.524  1.00   51.48 ? 46   GLU B CG  1 
ATOM   305 C CD  . GLU A 1 46 ? -4.928  4.188   -4.096  1.00   53.57 ? 46   GLU B CD  1 
ATOM   306 O OE1 . GLU A 1 46 ? -3.980  3.404   -3.911  1.00   54.46 ? 46   GLU B OE1 1 
ATOM   307 O OE2 . GLU A 1 46 ? -4.781  5.268   -4.724  1.00   56.04 ? 46   GLU B OE2 1 
ATOM   308 N N   . CYS A 1 47 ? -8.281  0.273   -1.152  1.00   48.21 ? 47   CYS B N   1 
ATOM   309 C CA  . CYS A 1 47 ? -8.522  -1.155  -1.036  1.00   48.18 ? 47   CYS B CA  1 
ATOM   310 C C   . CYS A 1 47 ? -9.522  -1.520  0.051   1.00   47.83 ? 47   CYS B C   1 
ATOM   311 O O   . CYS A 1 47 ? -10.098 -2.621  0.053   1.00   47.42 ? 47   CYS B O   1 
ATOM   312 C CB  . CYS A 1 47 ? -7.173  -1.821  -0.694  1.00   48.70 ? 47   CYS B CB  1 
ATOM   313 S SG  . CYS A 1 47 ? -5.966  -1.709  -2.032  1.00   49.92 ? 47   CYS B SG  1 
ATOM   314 N N   . CYS A 1 48 ? -9.696  -0.609  0.998   1.00   47.56 ? 48   CYS B N   1 
ATOM   315 C CA  . CYS A 1 48 ? -10.641 -0.824  2.076   1.00   47.16 ? 48   CYS B CA  1 
ATOM   316 C C   . CYS A 1 48 ? -11.934 -0.059  1.872   1.00   47.15 ? 48   CYS B C   1 
ATOM   317 O O   . CYS A 1 48 ? -12.984 -0.649  1.967   1.00   47.43 ? 48   CYS B O   1 
ATOM   318 C CB  . CYS A 1 48 ? -10.089 -0.411  3.443   1.00   47.33 ? 48   CYS B CB  1 
ATOM   319 S SG  . CYS A 1 48 ? -11.365 -0.664  4.774   1.00   45.95 ? 48   CYS B SG  1 
ATOM   320 N N   . PHE A 1 49 ? -11.854 1.252   1.661   1.00   47.01 ? 49   PHE B N   1 
ATOM   321 C CA  . PHE A 1 49 ? -13.064 2.051   1.493   1.00   47.28 ? 49   PHE B CA  1 
ATOM   322 C C   . PHE A 1 49 ? -13.634 1.646   0.168   1.00   47.54 ? 49   PHE B C   1 
ATOM   323 O O   . PHE A 1 49 ? -14.848 1.634   -0.005  1.00   47.40 ? 49   PHE B O   1 
ATOM   324 C CB  . PHE A 1 49 ? -12.772 3.552   1.476   1.00   47.04 ? 49   PHE B CB  1 
ATOM   325 C CG  . PHE A 1 49 ? -12.284 4.088   2.790   1.00   46.95 ? 49   PHE B CG  1 
ATOM   326 C CD1 . PHE A 1 49 ? -12.529 3.399   3.961   1.00   46.72 ? 49   PHE B CD1 1 
ATOM   327 C CD2 . PHE A 1 49 ? -11.611 5.286   2.850   1.00   45.98 ? 49   PHE B CD2 1 
ATOM   328 C CE1 . PHE A 1 49 ? -12.092 3.880   5.162   1.00   47.08 ? 49   PHE B CE1 1 
ATOM   329 C CE2 . PHE A 1 49 ? -11.193 5.794   4.052   1.00   46.25 ? 49   PHE B CE2 1 
ATOM   330 C CZ  . PHE A 1 49 ? -11.433 5.090   5.217   1.00   47.04 ? 49   PHE B CZ  1 
ATOM   331 N N   . ARG A 1 50 ? -12.742 1.366   -0.777  1.00   47.84 ? 50   ARG B N   1 
ATOM   332 C CA  . ARG A 1 50 ? -13.175 0.809   -2.040  1.00   48.62 ? 50   ARG B CA  1 
ATOM   333 C C   . ARG A 1 50 ? -12.442 -0.472  -2.434  1.00   48.90 ? 50   ARG B C   1 
ATOM   334 O O   . ARG A 1 50 ? -11.617 -1.020  -1.691  1.00   48.29 ? 50   ARG B O   1 
ATOM   335 C CB  . ARG A 1 50 ? -13.203 1.837   -3.175  1.00   48.83 ? 50   ARG B CB  1 
ATOM   336 C CG  . ARG A 1 50 ? -11.962 2.647   -3.375  1.00   49.63 ? 50   ARG B CG  1 
ATOM   337 C CD  . ARG A 1 50 ? -12.280 4.047   -3.916  1.00   51.40 ? 50   ARG B CD  1 
ATOM   338 N NE  . ARG A 1 50 ? -12.923 4.884   -2.908  1.00   51.67 ? 50   ARG B NE  1 
ATOM   339 C CZ  . ARG A 1 50 ? -13.763 5.840   -3.187  1.00   52.31 ? 50   ARG B CZ  1 
ATOM   340 N NH1 . ARG A 1 50 ? -14.061 6.082   -4.441  1.00   53.35 ? 50   ARG B NH1 1 
ATOM   341 N NH2 . ARG A 1 50 ? -14.307 6.560   -2.219  1.00   52.69 ? 50   ARG B NH2 1 
ATOM   342 N N   . SER A 1 51 ? -12.768 -0.936  -3.628  1.00   49.35 ? 51   SER B N   1 
ATOM   343 C CA  . SER A 1 51 ? -12.261 -2.193  -4.120  1.00   50.22 ? 51   SER B CA  1 
ATOM   344 C C   . SER A 1 51 ? -10.952 -1.945  -4.856  1.00   50.52 ? 51   SER B C   1 
ATOM   345 O O   . SER A 1 51 ? -10.872 -0.990  -5.620  1.00   50.63 ? 51   SER B O   1 
ATOM   346 C CB  . SER A 1 51 ? -13.297 -2.724  -5.115  1.00   50.11 ? 51   SER B CB  1 
ATOM   347 O OG  . SER A 1 51 ? -13.292 -4.120  -5.117  1.00   50.81 ? 51   SER B OG  1 
ATOM   348 N N   . CYS A 1 52 ? -9.926  -2.763  -4.629  1.00   50.78 ? 52   CYS B N   1 
ATOM   349 C CA  . CYS A 1 52 ? -8.715  -2.596  -5.429  1.00   51.37 ? 52   CYS B CA  1 
ATOM   350 C C   . CYS A 1 52 ? -8.280  -3.922  -6.051  1.00   51.51 ? 52   CYS B C   1 
ATOM   351 O O   . CYS A 1 52 ? -8.813  -4.972  -5.705  1.00   51.99 ? 52   CYS B O   1 
ATOM   352 C CB  . CYS A 1 52 ? -7.563  -1.952  -4.631  1.00   51.02 ? 52   CYS B CB  1 
ATOM   353 S SG  . CYS A 1 52 ? -6.671  -2.983  -3.457  1.00   50.95 ? 52   CYS B SG  1 
ATOM   354 N N   . ASP A 1 53 ? -7.335  -3.879  -6.978  1.00   51.40 ? 53   ASP B N   1 
ATOM   355 C CA  . ASP A 1 53 ? -6.857  -5.152  -7.566  1.00   51.20 ? 53   ASP B CA  1 
ATOM   356 C C   . ASP A 1 53 ? -5.407  -5.435  -7.094  1.00   50.56 ? 53   ASP B C   1 
ATOM   357 O O   . ASP A 1 53 ? -4.765  -4.548  -6.494  1.00   50.42 ? 53   ASP B O   1 
ATOM   358 C CB  . ASP A 1 53 ? -7.005  -5.158  -9.084  1.00   51.37 ? 53   ASP B CB  1 
ATOM   359 C CG  . ASP A 1 53 ? -6.090  -4.179  -9.768  1.00   52.56 ? 53   ASP B CG  1 
ATOM   360 O OD1 . ASP A 1 53 ? -5.189  -3.627  -9.126  1.00   54.88 ? 53   ASP B OD1 1 
ATOM   361 O OD2 . ASP A 1 53 ? -6.204  -3.880  -10.967 1.00   55.49 ? 53   ASP B OD2 1 
ATOM   362 N N   . LEU A 1 54 ? -4.906  -6.645  -7.339  1.00   49.82 ? 54   LEU B N   1 
ATOM   363 C CA  . LEU A 1 54 ? -3.566  -7.031  -6.897  1.00   49.27 ? 54   LEU B CA  1 
ATOM   364 C C   . LEU A 1 54 ? -2.494  -6.016  -7.315  1.00   49.23 ? 54   LEU B C   1 
ATOM   365 O O   . LEU A 1 54 ? -1.614  -5.687  -6.540  1.00   48.88 ? 54   LEU B O   1 
ATOM   366 C CB  . LEU A 1 54 ? -3.175  -8.424  -7.402  1.00   49.00 ? 54   LEU B CB  1 
ATOM   367 C CG  . LEU A 1 54 ? -1.761  -8.964  -7.103  1.00   48.36 ? 54   LEU B CG  1 
ATOM   368 C CD1 . LEU A 1 54 ? -1.620  -9.349  -5.633  1.00   49.16 ? 54   LEU B CD1 1 
ATOM   369 C CD2 . LEU A 1 54 ? -1.436  -10.172 -7.932  1.00   47.23 ? 54   LEU B CD2 1 
ATOM   370 N N   . ARG A 1 55 ? -2.576  -5.505  -8.520  1.00   49.05 ? 55   ARG B N   1 
ATOM   371 C CA  . ARG A 1 55 ? -1.513  -4.611  -8.977  1.00   49.59 ? 55   ARG B CA  1 
ATOM   372 C C   . ARG A 1 55 ? -1.463  -3.286  -8.173  1.00   49.39 ? 55   ARG B C   1 
ATOM   373 O O   . ARG A 1 55 ? -0.382  -2.719  -7.969  1.00   49.67 ? 55   ARG B O   1 
ATOM   374 C CB  . ARG A 1 55 ? -1.537  -4.400  -10.495 1.00   49.60 ? 55   ARG B CB  1 
ATOM   375 C CG  A ARG A 1 55 ? -0.837  -5.571  -11.230 0.50   49.70 ? 55   ARG B CG  1 
ATOM   376 C CG  B ARG A 1 55 ? -1.088  -2.997  -10.958 0.50   50.29 ? 55   ARG B CG  1 
ATOM   377 C CD  A ARG A 1 55 ? 0.109   -6.390  -10.310 0.50   50.42 ? 55   ARG B CD  1 
ATOM   378 C CD  B ARG A 1 55 ? -0.201  -3.011  -12.197 0.50   51.43 ? 55   ARG B CD  1 
ATOM   379 N NE  A ARG A 1 55 ? 0.215   -7.795  -10.694 0.50   50.52 ? 55   ARG B NE  1 
ATOM   380 N NE  B ARG A 1 55 ? 0.273   -1.704  -12.660 0.50   52.62 ? 55   ARG B NE  1 
ATOM   381 C CZ  A ARG A 1 55 ? 1.272   -8.576  -10.456 0.50   51.14 ? 55   ARG B CZ  1 
ATOM   382 C CZ  B ARG A 1 55 ? -0.423  -0.894  -13.454 0.50   53.73 ? 55   ARG B CZ  1 
ATOM   383 N NH1 A ARG A 1 55 ? 2.332   -8.112  -9.820  0.50   51.78 ? 55   ARG B NH1 1 
ATOM   384 N NH1 B ARG A 1 55 ? 0.096   0.257   -13.872 0.50   53.84 ? 55   ARG B NH1 1 
ATOM   385 N NH2 A ARG A 1 55 ? 1.283   -9.832  -10.868 0.50   51.09 ? 55   ARG B NH2 1 
ATOM   386 N NH2 B ARG A 1 55 ? -1.644  -1.236  -13.838 0.50   54.30 ? 55   ARG B NH2 1 
ATOM   387 N N   . ARG A 1 56 ? -2.631  -2.819  -7.767  1.00   48.70 ? 56   ARG B N   1 
ATOM   388 C CA  . ARG A 1 56 ? -2.766  -1.605  -6.957  1.00   48.51 ? 56   ARG B CA  1 
ATOM   389 C C   . ARG A 1 56 ? -2.168  -1.808  -5.547  1.00   48.18 ? 56   ARG B C   1 
ATOM   390 O O   . ARG A 1 56 ? -1.338  -1.059  -5.056  1.00   47.71 ? 56   ARG B O   1 
ATOM   391 C CB  . ARG A 1 56 ? -4.259  -1.265  -6.833  1.00   47.95 ? 56   ARG B CB  1 
ATOM   392 C CG  . ARG A 1 56 ? -4.572  -0.317  -5.677  1.00   48.92 ? 56   ARG B CG  1 
ATOM   393 N N   . LEU A 1 57 ? -2.593  -2.890  -4.924  1.00   48.25 ? 57   LEU B N   1 
ATOM   394 C CA  . LEU A 1 57 ? -2.150  -3.303  -3.634  1.00   48.50 ? 57   LEU B CA  1 
ATOM   395 C C   . LEU A 1 57 ? -0.605  -3.521  -3.522  1.00   48.37 ? 57   LEU B C   1 
ATOM   396 O O   . LEU A 1 57 ? 0.048   -3.110  -2.524  1.00   47.53 ? 57   LEU B O   1 
ATOM   397 C CB  . LEU A 1 57 ? -2.890  -4.622  -3.405  1.00   49.07 ? 57   LEU B CB  1 
ATOM   398 C CG  . LEU A 1 57 ? -2.830  -5.423  -2.139  1.00   51.22 ? 57   LEU B CG  1 
ATOM   399 C CD1 . LEU A 1 57 ? -1.423  -5.730  -1.643  1.00   51.97 ? 57   LEU B CD1 1 
ATOM   400 C CD2 . LEU A 1 57 ? -3.787  -4.896  -1.051  1.00   50.82 ? 57   LEU B CD2 1 
ATOM   401 N N   . GLU A 1 58 ? -0.042  -4.152  -4.557  1.00   47.70 ? 58   GLU B N   1 
ATOM   402 C CA  . GLU A 1 58 ? 1.402   -4.386  -4.619  1.00   48.12 ? 58   GLU B CA  1 
ATOM   403 C C   . GLU A 1 58 ? 2.217   -3.055  -4.703  1.00   47.54 ? 58   GLU B C   1 
ATOM   404 O O   . GLU A 1 58 ? 3.402   -3.012  -4.347  1.00   45.83 ? 58   GLU B O   1 
ATOM   405 C CB  . GLU A 1 58 ? 1.743   -5.333  -5.803  1.00   48.72 ? 58   GLU B CB  1 
ATOM   406 C CG  . GLU A 1 58 ? 3.210   -5.593  -5.958  1.00   50.65 ? 58   GLU B CG  1 
ATOM   407 C CD  . GLU A 1 58 ? 3.538   -6.727  -6.901  1.00   52.92 ? 58   GLU B CD  1 
ATOM   408 O OE1 . GLU A 1 58 ? 2.896   -6.825  -7.998  1.00   52.42 ? 58   GLU B OE1 1 
ATOM   409 O OE2 . GLU A 1 58 ? 4.467   -7.509  -6.509  1.00   52.86 ? 58   GLU B OE2 1 
ATOM   410 N N   . MET A 1 59 ? 1.560   -1.972  -5.134  1.00   47.56 ? 59   MET B N   1 
ATOM   411 C CA  . MET A 1 59 ? 2.265   -0.654  -5.159  1.00   47.76 ? 59   MET B CA  1 
ATOM   412 C C   . MET A 1 59 ? 2.583   -0.167  -3.727  1.00   47.65 ? 59   MET B C   1 
ATOM   413 O O   . MET A 1 59 ? 3.345   0.765   -3.536  1.00   46.55 ? 59   MET B O   1 
ATOM   414 C CB  . MET A 1 59 ? 1.448   0.369   -5.909  1.00   48.51 ? 59   MET B CB  1 
ATOM   415 C CG  . MET A 1 59 ? 1.338   -0.058  -7.368  1.00   49.93 ? 59   MET B CG  1 
ATOM   416 S SD  . MET A 1 59 ? 0.788   1.036   -8.587  1.00   55.99 ? 59   MET B SD  1 
ATOM   417 C CE  . MET A 1 59 ? -0.419  1.898   -7.798  1.00   53.51 ? 59   MET B CE  1 
ATOM   418 N N   . TYR A 1 60 ? 2.029   -0.827  -2.706  1.00   46.88 ? 60   TYR B N   1 
ATOM   419 C CA  . TYR A 1 60 ? 2.348   -0.411  -1.341  1.00   47.66 ? 60   TYR B CA  1 
ATOM   420 C C   . TYR A 1 60 ? 3.417   -1.240  -0.675  1.00   48.16 ? 60   TYR B C   1 
ATOM   421 O O   . TYR A 1 60 ? 3.629   -1.137  0.546   1.00   47.40 ? 60   TYR B O   1 
ATOM   422 C CB  . TYR A 1 60 ? 1.087   -0.392  -0.458  1.00   47.22 ? 60   TYR B CB  1 
ATOM   423 C CG  . TYR A 1 60 ? 0.168   0.695   -0.859  1.00   48.45 ? 60   TYR B CG  1 
ATOM   424 C CD1 . TYR A 1 60 ? -0.818  0.488   -1.814  1.00   49.76 ? 60   TYR B CD1 1 
ATOM   425 C CD2 . TYR A 1 60 ? 0.323   1.960   -0.344  1.00   50.41 ? 60   TYR B CD2 1 
ATOM   426 C CE1 . TYR A 1 60 ? -1.633  1.508   -2.242  1.00   49.95 ? 60   TYR B CE1 1 
ATOM   427 C CE2 . TYR A 1 60 ? -0.489  3.010   -0.762  1.00   49.97 ? 60   TYR B CE2 1 
ATOM   428 C CZ  . TYR A 1 60 ? -1.478  2.768   -1.694  1.00   50.76 ? 60   TYR B CZ  1 
ATOM   429 O OH  . TYR A 1 60 ? -2.335  3.767   -2.055  1.00   50.68 ? 60   TYR B OH  1 
ATOM   430 N N   . CYS A 1 61 ? 4.004   -2.149  -1.437  1.00   48.36 ? 61   CYS B N   1 
ATOM   431 C CA  . CYS A 1 61 ? 5.161   -2.878  -0.939  1.00   49.13 ? 61   CYS B CA  1 
ATOM   432 C C   . CYS A 1 61 ? 6.395   -1.934  -0.945  1.00   49.71 ? 61   CYS B C   1 
ATOM   433 O O   . CYS A 1 61 ? 6.601   -1.188  -1.903  1.00   49.82 ? 61   CYS B O   1 
ATOM   434 C CB  . CYS A 1 61 ? 5.466   -4.071  -1.844  1.00   49.25 ? 61   CYS B CB  1 
ATOM   435 S SG  . CYS A 1 61 ? 4.176   -5.347  -1.852  1.00   47.11 ? 61   CYS B SG  1 
ATOM   436 N N   . ALA A 1 62 ? 7.228   -1.990  0.104   1.00   50.10 ? 62   ALA B N   1 
ATOM   437 C CA  . ALA A 1 62 ? 8.527   -1.288  0.096   1.00   50.49 ? 62   ALA B CA  1 
ATOM   438 C C   . ALA A 1 62 ? 9.480   -1.896  -0.924  1.00   50.99 ? 62   ALA B C   1 
ATOM   439 O O   . ALA A 1 62 ? 9.280   -2.987  -1.389  1.00   50.50 ? 62   ALA B O   1 
ATOM   440 C CB  . ALA A 1 62 ? 9.198   -1.361  1.481   1.00   50.33 ? 62   ALA B CB  1 
ATOM   441 N N   . PRO A 1 63 ? 10.522  -1.168  -1.272  1.00   51.59 ? 63   PRO B N   1 
ATOM   442 C CA  . PRO A 1 63 ? 11.556  -1.696  -2.163  1.00   52.73 ? 63   PRO B CA  1 
ATOM   443 C C   . PRO A 1 63 ? 12.224  -2.965  -1.621  1.00   53.69 ? 63   PRO B C   1 
ATOM   444 O O   . PRO A 1 63 ? 11.946  -3.493  -0.533  1.00   54.08 ? 63   PRO B O   1 
ATOM   445 C CB  . PRO A 1 63 ? 12.602  -0.579  -2.174  1.00   52.38 ? 63   PRO B CB  1 
ATOM   446 C CG  . PRO A 1 63 ? 11.865  0.649   -1.811  1.00   51.95 ? 63   PRO B CG  1 
ATOM   447 C CD  . PRO A 1 63 ? 10.809  0.204   -0.826  1.00   51.63 ? 63   PRO B CD  1 
ATOM   448 N N   . LEU A 1 64 ? 13.131  -3.468  -2.415  1.00   55.26 ? 64   LEU B N   1 
ATOM   449 C CA  . LEU A 1 64 ? 13.957  -4.589  -2.003  1.00   56.52 ? 64   LEU B CA  1 
ATOM   450 C C   . LEU A 1 64 ? 15.418  -4.157  -1.910  1.00   57.22 ? 64   LEU B C   1 
ATOM   451 O O   . LEU A 1 64 ? 16.211  -4.726  -1.147  1.00   57.66 ? 64   LEU B O   1 
ATOM   452 C CB  . LEU A 1 64 ? 13.795  -5.723  -3.015  1.00   56.57 ? 64   LEU B CB  1 
ATOM   453 C CG  . LEU A 1 64 ? 13.432  -5.278  -4.442  1.00   56.88 ? 64   LEU B CG  1 
ATOM   454 C CD1 . LEU A 1 64 ? 14.064  -3.973  -4.754  1.00   55.66 ? 64   LEU B CD1 1 
ATOM   455 C CD2 . LEU A 1 64 ? 13.887  -6.304  -5.472  1.00   57.24 ? 64   LEU B CD2 1 
ATOM   456 N N   . LYS A 1 65 ? 15.762  -3.128  -2.677  1.00   58.12 ? 65   LYS B N   1 
ATOM   457 C CA  . LYS A 1 65 ? 17.146  -2.677  -2.862  1.00   58.71 ? 65   LYS B CA  1 
ATOM   458 C C   . LYS A 1 65 ? 17.776  -3.230  -4.180  1.00   59.33 ? 65   LYS B C   1 
ATOM   459 O O   . LYS A 1 65 ? 17.720  -2.525  -5.199  1.00   59.66 ? 65   LYS B O   1 
ATOM   460 C CB  . LYS A 1 65 ? 18.021  -2.877  -1.605  1.00   58.74 ? 65   LYS B CB  1 
ATOM   461 C CG  . LYS A 1 65 ? 19.428  -2.232  -1.662  1.00   58.80 ? 65   LYS B CG  1 
ATOM   462 C CD  . LYS A 1 65 ? 19.423  -0.700  -1.753  1.00   58.65 ? 65   LYS B CD  1 
ATOM   463 C CE  . LYS A 1 65 ? 18.890  -0.037  -0.473  1.00   58.97 ? 65   LYS B CE  1 
ATOM   464 N NZ  . LYS A 1 65 ? 18.844  1.461   -0.575  1.00   58.57 ? 65   LYS B NZ  1 
ATOM   465 N N   . PRO A 1 66 ? 18.323  -4.462  -4.215  1.00   59.71 ? 66   PRO B N   1 
ATOM   466 C CA  . PRO A 1 66 ? 19.571  -4.871  -3.532  1.00   59.76 ? 66   PRO B CA  1 
ATOM   467 C C   . PRO A 1 66 ? 20.872  -4.130  -3.733  1.00   60.10 ? 66   PRO B C   1 
ATOM   468 O O   . PRO A 1 66 ? 20.980  -3.021  -4.267  1.00   60.30 ? 66   PRO B O   1 
ATOM   469 C CB  . PRO A 1 66 ? 19.793  -6.304  -4.035  1.00   59.66 ? 66   PRO B CB  1 
ATOM   470 C CG  . PRO A 1 66 ? 18.419  -6.781  -4.362  1.00   59.80 ? 66   PRO B CG  1 
ATOM   471 C CD  . PRO A 1 66 ? 17.724  -5.592  -4.953  1.00   59.64 ? 66   PRO B CD  1 
ATOM   472 N N   . ALA A 1 67 ? 21.903  -4.847  -3.300  1.00   60.25 ? 67   ALA B N   1 
ATOM   473 C CA  . ALA A 1 67 ? 23.246  -4.352  -3.206  1.00   60.33 ? 67   ALA B CA  1 
ATOM   474 C C   . ALA A 1 67 ? 24.234  -5.425  -3.618  1.00   60.37 ? 67   ALA B C   1 
ATOM   475 O O   . ALA A 1 67 ? 24.219  -6.529  -3.069  1.00   60.44 ? 67   ALA B O   1 
ATOM   476 C CB  . ALA A 1 67 ? 23.490  -3.986  -1.785  1.00   60.42 ? 67   ALA B CB  1 
ATOM   477 N N   . LYS A 1 68 ? 25.103  -5.092  -4.568  1.00   60.31 ? 68   LYS B N   1 
ATOM   478 C CA  . LYS A 1 68 ? 26.088  -6.037  -5.054  1.00   60.24 ? 68   LYS B CA  1 
ATOM   479 C C   . LYS A 1 68 ? 27.472  -5.512  -4.712  1.00   60.23 ? 68   LYS B C   1 
ATOM   480 O O   . LYS A 1 68 ? 27.613  -4.683  -3.812  1.00   60.20 ? 68   LYS B O   1 
ATOM   481 C CB  . LYS A 1 68 ? 25.935  -6.230  -6.549  1.00   60.23 ? 68   LYS B CB  1 
HETATM 482 C C1  . C15 B 2 .  ? 2.656   5.670   7.578   1.00   50.81 ? 1069 C15 B C1  1 
HETATM 483 C C2  . C15 B 2 .  ? 1.137   5.902   7.586   1.00   51.38 ? 1069 C15 B C2  1 
HETATM 484 C C5  . C15 B 2 .  ? 1.828   -6.915  14.698  1.00   51.14 ? 1069 C15 B C5  1 
HETATM 485 C C6  . C15 B 2 .  ? 2.188   -7.064  13.239  1.00   51.31 ? 1069 C15 B C6  1 
HETATM 486 C C7  . C15 B 2 .  ? 1.178   -6.272  12.426  1.00   53.52 ? 1069 C15 B C7  1 
HETATM 487 C C8  . C15 B 2 .  ? 1.366   -4.798  12.168  1.00   53.17 ? 1069 C15 B C8  1 
HETATM 488 N N1  . C15 B 2 .  ? -1.123  5.004   10.098  1.00   54.58 ? 1069 C15 B N1  1 
HETATM 489 C C1N . C15 B 2 .  ? 0.052   5.769   10.471  1.00   54.74 ? 1069 C15 B C1N 1 
HETATM 490 C C9  . C15 B 2 .  ? 0.135   -4.404  11.400  1.00   54.94 ? 1069 C15 B C9  1 
HETATM 491 C C10 . C15 B 2 .  ? 0.380   -3.027  10.842  1.00   54.72 ? 1069 C15 B C10 1 
HETATM 492 C C11 . C15 B 2 .  ? -0.448  -2.051  11.636  1.00   54.48 ? 1069 C15 B C11 1 
HETATM 493 C C12 . C15 B 2 .  ? 0.139   -0.689  11.372  1.00   54.19 ? 1069 C15 B C12 1 
HETATM 494 C C13 . C15 B 2 .  ? -0.834  0.141   10.551  1.00   55.70 ? 1069 C15 B C13 1 
HETATM 495 C C14 . C15 B 2 .  ? -0.242  1.557   10.548  1.00   54.78 ? 1069 C15 B C14 1 
HETATM 496 C C15 . C15 B 2 .  ? -1.326  2.623   10.633  1.00   55.25 ? 1069 C15 B C15 1 
HETATM 497 C C16 . C15 B 2 .  ? -1.067  3.667   9.561   1.00   54.44 ? 1069 C15 B C16 1 
HETATM 498 S S1  . C15 B 2 .  ? 3.350   4.777   6.470   1.00   49.95 ? 1069 C15 B S1  1 
HETATM 499 O O1S . C15 B 2 .  ? 4.691   5.323   6.491   1.00   52.43 ? 1069 C15 B O1S 1 
HETATM 500 O O2S . C15 B 2 .  ? 3.113   3.373   6.742   1.00   46.99 ? 1069 C15 B O2S 1 
HETATM 501 O O3S . C15 B 2 .  ? 2.599   5.274   5.301   1.00   52.90 ? 1069 C15 B O3S 1 
HETATM 502 O O   . HOH C 3 .  ? -14.868 -8.146  2.426   1.00   78.86 ? 2001 HOH B O   1 
HETATM 503 O O   . HOH C 3 .  ? -8.630  -0.751  7.050   1.00   63.02 ? 2002 HOH B O   1 
HETATM 504 O O   . HOH C 3 .  ? -11.191 -3.070  10.060  1.00   70.55 ? 2003 HOH B O   1 
HETATM 505 O O   . HOH C 3 .  ? 2.279   -14.111 5.047   1.00   62.33 ? 2004 HOH B O   1 
HETATM 506 O O   . HOH C 3 .  ? -0.459  -13.152 5.462   1.00   50.29 ? 2005 HOH B O   1 
HETATM 507 O O   . HOH C 3 .  ? 9.689   -5.712  7.188   1.00   54.64 ? 2006 HOH B O   1 
HETATM 508 O O   . HOH C 3 .  ? 4.989   -9.879  -4.445  1.00   63.51 ? 2007 HOH B O   1 
HETATM 509 O O   . HOH C 3 .  ? 8.661   -10.235 -2.233  1.00   57.45 ? 2008 HOH B O   1 
HETATM 510 O O   . HOH C 3 .  ? 5.701   -8.244  4.892   1.00   66.96 ? 2009 HOH B O   1 
HETATM 511 O O   . HOH C 3 .  ? 9.761   -11.351 6.387   1.00   81.09 ? 2010 HOH B O   1 
HETATM 512 O O   . HOH C 3 .  ? 10.908  -15.124 5.280   1.00   63.40 ? 2011 HOH B O   1 
HETATM 513 O O   . HOH C 3 .  ? 5.999   -3.775  6.780   1.00   39.29 ? 2012 HOH B O   1 
HETATM 514 O O   . HOH C 3 .  ? -4.794  -9.664  -15.350 1.00   56.72 ? 2013 HOH B O   1 
HETATM 515 O O   . HOH C 3 .  ? -4.138  19.820  -5.153  1.00   85.20 ? 2014 HOH B O   1 
HETATM 516 O O   . HOH C 3 .  ? -9.423  12.086  0.673   1.00   91.08 ? 2015 HOH B O   1 
HETATM 517 O O   . HOH C 3 .  ? -11.405 8.179   0.711   0.50   53.85 ? 2016 HOH B O   1 
HETATM 518 O O   . HOH C 3 .  ? -9.032  1.605   -5.928  1.00   48.70 ? 2017 HOH B O   1 
HETATM 519 O O   . HOH C 3 .  ? -5.856  -6.272  -13.711 1.00   86.31 ? 2018 HOH B O   1 
HETATM 520 O O   . HOH C 3 .  ? -6.585  -8.224  -8.509  1.00   66.47 ? 2019 HOH B O   1 
HETATM 521 O O   . HOH C 3 .  ? -4.085  -7.156  -10.603 1.00   63.16 ? 2020 HOH B O   1 
HETATM 522 O O   . HOH C 3 .  ? 1.876   -2.750  -9.257  1.00   59.71 ? 2021 HOH B O   1 
HETATM 523 O O   . HOH C 3 .  ? 15.070  -6.468  -0.675  1.00   60.23 ? 2022 HOH B O   1 
HETATM 524 O O   . HOH C 3 .  ? 7.054   3.784   6.562   1.00   60.25 ? 2023 HOH B O   1 
# 
